data_2GZA
#
_entry.id   2GZA
#
_cell.length_a   118.211
_cell.length_b   125.815
_cell.length_c   164.089
_cell.angle_alpha   90.000
_cell.angle_beta   90.000
_cell.angle_gamma   90.000
#
_symmetry.space_group_name_H-M   'C 2 2 21'
#
loop_
_entity.id
_entity.type
_entity.pdbx_description
1 polymer 'Type IV secretion system protein VirB11'
2 non-polymer 'SULFATE ION'
3 water water
#
_entity_poly.entity_id   1
_entity_poly.type   'polypeptide(L)'
_entity_poly.pdbx_seq_one_letter_code
;MMSNRSDFIVPDEAAVKRAASVNFHLEPLRPWLDDPQITEVCVNRPGEVFCERASAWEYYAVPNLDYEHLISLGTATARF
VDQDISDSRPVLSAILPMGERIQIVRPPACEHGTISVTIRKPSFTRRTLEDYAQQGFFKHVRPMSKSLTPFEQELLALKE
AGDYMSFLRRAVQLERVIVVAGETGSGKTTLMKALMQEIPFDQRLITIEDVPELFLPDHPNHVHLFYPSEAKEEENAPVT
AATLLRSCLRMKPTRILLAELRGGEAYDFINVAASGHGGSITSCHAGSCELTFERLALMVLQNRQGRQLPYEIIRRLLYL
VVDVVVHVHNGVHDGTGRHISEVWYDPNTKRALSLQHSEKT
;
_entity_poly.pdbx_strand_id   A,B,C
#
# COMPACT_ATOMS: atom_id res chain seq x y z
N ALA A 20 -25.67 -6.62 23.74
CA ALA A 20 -26.61 -6.50 24.91
C ALA A 20 -26.23 -7.47 26.03
N SER A 21 -25.79 -8.67 25.66
CA SER A 21 -25.26 -9.64 26.60
C SER A 21 -23.92 -9.17 27.14
N VAL A 22 -23.15 -8.51 26.28
CA VAL A 22 -21.88 -7.90 26.63
C VAL A 22 -22.10 -6.70 27.54
N ASN A 23 -23.04 -5.85 27.15
CA ASN A 23 -23.36 -4.65 27.93
C ASN A 23 -23.92 -4.95 29.32
N PHE A 24 -24.57 -6.10 29.47
CA PHE A 24 -25.02 -6.55 30.77
C PHE A 24 -23.84 -6.90 31.68
N HIS A 25 -22.86 -7.59 31.12
CA HIS A 25 -21.68 -8.00 31.87
C HIS A 25 -20.72 -6.85 32.15
N LEU A 26 -20.89 -5.75 31.42
CA LEU A 26 -20.11 -4.53 31.64
C LEU A 26 -20.74 -3.61 32.69
N GLU A 27 -21.85 -4.05 33.28
CA GLU A 27 -22.60 -3.22 34.22
C GLU A 27 -21.83 -2.81 35.48
N PRO A 28 -21.08 -3.74 36.11
CA PRO A 28 -20.36 -3.34 37.32
C PRO A 28 -19.25 -2.32 37.05
N LEU A 29 -18.97 -2.06 35.78
CA LEU A 29 -17.90 -1.13 35.40
C LEU A 29 -18.44 0.21 34.92
N ARG A 30 -19.76 0.39 34.97
CA ARG A 30 -20.39 1.62 34.48
C ARG A 30 -19.84 2.94 35.05
N PRO A 31 -19.64 3.03 36.39
CA PRO A 31 -19.12 4.27 36.96
C PRO A 31 -17.87 4.82 36.27
N TRP A 32 -16.94 3.93 35.95
CA TRP A 32 -15.66 4.33 35.36
C TRP A 32 -15.70 4.32 33.84
N LEU A 33 -16.56 3.47 33.27
CA LEU A 33 -16.82 3.47 31.82
C LEU A 33 -17.49 4.76 31.34
N ASP A 34 -18.39 5.32 32.16
CA ASP A 34 -19.13 6.52 31.77
C ASP A 34 -18.42 7.81 32.20
N ASP A 35 -17.42 7.66 33.06
CA ASP A 35 -16.63 8.80 33.54
C ASP A 35 -15.66 9.25 32.45
N PRO A 36 -15.94 10.40 31.81
CA PRO A 36 -15.16 10.80 30.64
C PRO A 36 -13.72 11.15 31.01
N GLN A 37 -13.50 11.43 32.30
CA GLN A 37 -12.20 11.77 32.87
C GLN A 37 -11.26 10.57 32.82
N ILE A 38 -11.84 9.38 32.71
CA ILE A 38 -11.07 8.13 32.71
C ILE A 38 -10.86 7.59 31.29
N THR A 39 -9.62 7.20 30.99
CA THR A 39 -9.26 6.72 29.66
C THR A 39 -9.18 5.20 29.54
N GLU A 40 -8.92 4.51 30.66
CA GLU A 40 -8.76 3.06 30.67
C GLU A 40 -9.41 2.46 31.90
N VAL A 41 -10.03 1.29 31.71
CA VAL A 41 -10.61 0.54 32.82
C VAL A 41 -10.05 -0.88 32.80
N CYS A 42 -9.32 -1.22 33.86
CA CYS A 42 -8.67 -2.52 33.96
C CYS A 42 -9.18 -3.37 35.13
N VAL A 43 -9.26 -4.67 34.87
CA VAL A 43 -9.52 -5.66 35.91
C VAL A 43 -8.38 -6.68 35.83
N ASN A 44 -7.60 -6.74 36.90
CA ASN A 44 -6.43 -7.62 36.96
C ASN A 44 -6.78 -8.95 37.61
N ARG A 45 -7.73 -8.91 38.53
CA ARG A 45 -8.17 -10.07 39.26
C ARG A 45 -9.56 -9.79 39.81
N PRO A 46 -10.32 -10.85 40.17
CA PRO A 46 -11.60 -10.62 40.78
C PRO A 46 -11.55 -9.66 41.98
N GLY A 47 -12.53 -8.78 42.04
CA GLY A 47 -12.71 -7.92 43.21
C GLY A 47 -12.22 -6.49 43.06
N GLU A 48 -11.27 -6.26 42.15
CA GLU A 48 -10.72 -4.92 42.02
C GLU A 48 -10.82 -4.40 40.59
N VAL A 49 -10.68 -3.08 40.48
CA VAL A 49 -10.58 -2.40 39.21
C VAL A 49 -9.49 -1.34 39.31
N PHE A 50 -8.72 -1.17 38.25
CA PHE A 50 -7.77 -0.06 38.15
C PHE A 50 -8.15 0.81 36.97
N CYS A 51 -8.24 2.11 37.20
CA CYS A 51 -8.64 3.06 36.17
C CYS A 51 -7.61 4.13 35.96
N GLU A 52 -7.43 4.54 34.72
CA GLU A 52 -6.50 5.61 34.40
C GLU A 52 -7.22 6.94 34.18
N ARG A 53 -6.85 7.92 34.99
CA ARG A 53 -7.40 9.26 34.92
C ARG A 53 -6.22 10.20 34.76
N ALA A 54 -6.08 10.89 33.65
CA ALA A 54 -4.93 11.78 33.42
C ALA A 54 -3.57 11.11 33.67
N SER A 55 -3.37 9.99 32.98
CA SER A 55 -2.12 9.21 33.04
C SER A 55 -1.75 8.65 34.41
N ALA A 56 -2.70 8.65 35.35
CA ALA A 56 -2.47 8.07 36.68
C ALA A 56 -3.50 7.01 36.99
N TRP A 57 -3.06 5.97 37.70
CA TRP A 57 -3.91 4.83 38.01
C TRP A 57 -4.57 4.97 39.38
N GLU A 58 -5.82 4.53 39.46
CA GLU A 58 -6.57 4.59 40.71
C GLU A 58 -7.18 3.24 41.02
N TYR A 59 -7.11 2.84 42.28
CA TYR A 59 -7.67 1.57 42.74
C TYR A 59 -9.10 1.75 43.24
N TYR A 60 -9.95 0.78 42.90
CA TYR A 60 -11.30 0.71 43.47
C TYR A 60 -11.66 -0.74 43.78
N ALA A 61 -12.20 -0.95 44.97
CA ALA A 61 -12.63 -2.27 45.41
C ALA A 61 -14.04 -2.52 44.93
N VAL A 62 -14.20 -3.51 44.03
CA VAL A 62 -15.51 -3.87 43.50
C VAL A 62 -15.78 -5.36 43.77
N PRO A 63 -16.33 -5.68 44.95
CA PRO A 63 -16.51 -7.06 45.39
C PRO A 63 -17.45 -7.88 44.49
N ASN A 64 -18.48 -7.23 43.94
CA ASN A 64 -19.47 -7.86 43.06
C ASN A 64 -18.91 -8.40 41.74
N LEU A 65 -17.59 -8.37 41.58
CA LEU A 65 -16.97 -8.77 40.33
C LEU A 65 -16.17 -10.06 40.51
N ASP A 66 -16.90 -11.17 40.61
CA ASP A 66 -16.38 -12.52 40.83
C ASP A 66 -15.49 -12.97 39.68
N TYR A 67 -14.70 -14.01 39.93
CA TYR A 67 -13.96 -14.71 38.88
C TYR A 67 -14.95 -15.29 37.87
N GLU A 68 -16.03 -15.87 38.38
CA GLU A 68 -17.11 -16.41 37.55
C GLU A 68 -17.73 -15.35 36.66
N HIS A 69 -17.91 -14.14 37.20
CA HIS A 69 -18.44 -13.03 36.44
C HIS A 69 -17.53 -12.67 35.26
N LEU A 70 -16.22 -12.69 35.49
CA LEU A 70 -15.26 -12.32 34.46
C LEU A 70 -15.12 -13.40 33.39
N ILE A 71 -15.25 -14.65 33.80
CA ILE A 71 -15.26 -15.78 32.86
C ILE A 71 -16.44 -15.65 31.90
N SER A 72 -17.61 -15.33 32.44
CA SER A 72 -18.81 -15.13 31.62
C SER A 72 -18.73 -13.86 30.78
N LEU A 73 -18.05 -12.83 31.32
CA LEU A 73 -17.77 -11.61 30.56
C LEU A 73 -16.97 -11.96 29.31
N GLY A 74 -15.93 -12.77 29.48
CA GLY A 74 -15.10 -13.21 28.35
C GLY A 74 -15.90 -13.89 27.26
N THR A 75 -16.64 -14.93 27.64
CA THR A 75 -17.44 -15.72 26.71
C THR A 75 -18.43 -14.83 25.94
N ALA A 76 -19.12 -13.96 26.68
CA ALA A 76 -20.08 -13.04 26.10
C ALA A 76 -19.45 -12.19 25.01
N THR A 77 -18.28 -11.66 25.30
CA THR A 77 -17.52 -10.81 24.38
C THR A 77 -17.05 -11.61 23.16
N ALA A 78 -16.61 -12.85 23.40
CA ALA A 78 -16.19 -13.76 22.33
C ALA A 78 -17.32 -13.98 21.35
N ARG A 79 -18.48 -14.37 21.86
CA ARG A 79 -19.65 -14.64 21.03
C ARG A 79 -20.16 -13.41 20.29
N PHE A 80 -19.84 -12.19 20.79
CA PHE A 80 -20.19 -10.93 20.14
C PHE A 80 -19.49 -10.79 18.77
N VAL A 81 -18.35 -11.44 18.61
CA VAL A 81 -17.79 -11.40 17.27
C VAL A 81 -17.30 -12.78 16.82
N ASP A 82 -17.01 -12.99 15.55
CA ASP A 82 -16.52 -14.29 15.02
C ASP A 82 -15.64 -15.08 15.99
N GLN A 83 -15.94 -15.16 17.29
CA GLN A 83 -14.88 -15.79 18.03
C GLN A 83 -15.13 -16.39 19.38
N ASP A 84 -14.09 -17.16 19.60
CA ASP A 84 -13.96 -18.05 20.73
C ASP A 84 -12.94 -17.72 21.77
N ILE A 85 -13.36 -17.98 22.97
CA ILE A 85 -12.53 -17.83 24.12
C ILE A 85 -12.35 -19.19 24.69
N SER A 86 -11.21 -19.38 25.37
CA SER A 86 -10.96 -20.76 25.74
C SER A 86 -10.24 -21.06 27.05
N ASP A 87 -9.29 -21.95 26.74
CA ASP A 87 -8.15 -22.53 27.44
C ASP A 87 -7.22 -22.69 26.25
N SER A 88 -7.77 -23.17 25.09
CA SER A 88 -7.07 -23.29 23.82
C SER A 88 -6.89 -21.94 23.15
N ARG A 89 -7.76 -20.99 23.49
CA ARG A 89 -7.68 -19.62 22.97
C ARG A 89 -7.95 -18.62 24.11
N PRO A 90 -6.94 -18.38 24.96
CA PRO A 90 -7.10 -17.59 26.18
C PRO A 90 -6.93 -16.09 25.98
N VAL A 91 -6.47 -15.69 24.80
CA VAL A 91 -6.24 -14.28 24.53
C VAL A 91 -7.28 -13.79 23.52
N LEU A 92 -8.03 -12.76 23.93
CA LEU A 92 -9.12 -12.25 23.12
C LEU A 92 -9.04 -10.74 22.92
N SER A 93 -9.22 -10.32 21.67
CA SER A 93 -9.33 -8.92 21.31
C SER A 93 -10.70 -8.66 20.71
N ALA A 94 -11.36 -7.59 21.14
CA ALA A 94 -12.68 -7.27 20.65
C ALA A 94 -12.98 -5.78 20.71
N ILE A 95 -13.93 -5.35 19.89
CA ILE A 95 -14.44 -3.98 19.94
C ILE A 95 -15.89 -3.97 20.37
N LEU A 96 -16.11 -3.25 21.48
CA LEU A 96 -17.40 -3.08 22.14
C LEU A 96 -18.34 -2.18 21.35
N PRO A 97 -19.67 -2.41 21.46
CA PRO A 97 -20.72 -1.61 20.84
C PRO A 97 -20.44 -0.10 20.82
N MET A 98 -20.00 0.46 21.94
CA MET A 98 -19.81 1.91 22.01
C MET A 98 -18.41 2.37 21.59
N GLY A 99 -17.65 1.47 20.98
CA GLY A 99 -16.37 1.83 20.43
C GLY A 99 -15.15 1.56 21.30
N GLU A 100 -15.36 0.96 22.47
CA GLU A 100 -14.24 0.62 23.33
C GLU A 100 -13.54 -0.64 22.83
N ARG A 101 -12.22 -0.67 22.98
CA ARG A 101 -11.43 -1.87 22.70
C ARG A 101 -11.23 -2.62 23.98
N ILE A 102 -11.39 -3.93 23.92
CA ILE A 102 -11.26 -4.75 25.11
C ILE A 102 -10.30 -5.90 24.83
N GLN A 103 -9.31 -6.03 25.71
CA GLN A 103 -8.41 -7.17 25.70
C GLN A 103 -8.65 -8.04 26.92
N ILE A 104 -8.86 -9.33 26.67
CA ILE A 104 -9.15 -10.30 27.72
C ILE A 104 -8.14 -11.44 27.66
N VAL A 105 -7.47 -11.68 28.77
CA VAL A 105 -6.60 -12.83 28.91
C VAL A 105 -7.16 -13.70 30.03
N ARG A 106 -7.30 -14.99 29.71
CA ARG A 106 -7.90 -15.98 30.59
C ARG A 106 -6.84 -16.94 31.16
N PRO A 107 -7.13 -17.55 32.33
CA PRO A 107 -6.41 -18.48 33.22
C PRO A 107 -5.24 -19.37 32.77
N PRO A 108 -5.23 -19.91 31.53
CA PRO A 108 -3.92 -20.49 31.19
C PRO A 108 -2.85 -19.42 30.94
N ALA A 109 -3.20 -18.42 30.14
CA ALA A 109 -2.24 -17.39 29.73
C ALA A 109 -2.00 -16.30 30.77
N CYS A 110 -2.87 -16.20 31.76
CA CYS A 110 -2.67 -15.29 32.89
C CYS A 110 -2.82 -16.03 34.22
N GLU A 111 -2.34 -15.42 35.30
CA GLU A 111 -2.33 -16.04 36.62
C GLU A 111 -3.64 -16.73 36.95
N HIS A 112 -3.54 -17.96 37.49
CA HIS A 112 -4.71 -18.77 37.82
C HIS A 112 -5.67 -18.07 38.79
N GLY A 113 -6.96 -18.29 38.57
CA GLY A 113 -8.00 -17.70 39.40
C GLY A 113 -8.27 -16.24 39.08
N THR A 114 -7.62 -15.73 38.02
CA THR A 114 -7.80 -14.35 37.59
C THR A 114 -8.17 -14.27 36.12
N ILE A 115 -8.80 -13.17 35.73
CA ILE A 115 -9.10 -12.89 34.32
C ILE A 115 -8.77 -11.44 34.00
N SER A 116 -7.69 -11.22 33.26
CA SER A 116 -7.22 -9.87 32.94
C SER A 116 -8.09 -9.19 31.88
N VAL A 117 -8.63 -8.03 32.24
CA VAL A 117 -9.42 -7.22 31.33
C VAL A 117 -8.81 -5.84 31.18
N THR A 118 -8.68 -5.38 29.94
CA THR A 118 -8.29 -4.00 29.67
C THR A 118 -9.25 -3.39 28.67
N ILE A 119 -9.95 -2.34 29.09
CA ILE A 119 -10.84 -1.59 28.19
C ILE A 119 -10.27 -0.19 27.89
N ARG A 120 -9.97 0.08 26.63
CA ARG A 120 -9.46 1.39 26.23
C ARG A 120 -10.52 2.20 25.47
N LYS A 121 -10.97 3.28 26.09
CA LYS A 121 -12.08 4.11 25.62
C LYS A 121 -11.68 4.98 24.42
N PRO A 122 -12.60 5.20 23.46
CA PRO A 122 -12.28 6.07 22.32
C PRO A 122 -11.97 7.53 22.72
N SER A 123 -11.11 8.15 21.94
CA SER A 123 -10.63 9.49 22.21
C SER A 123 -11.48 10.53 21.49
N PHE A 124 -12.01 11.49 22.27
CA PHE A 124 -12.93 12.51 21.76
C PHE A 124 -12.35 13.92 21.72
N THR A 125 -11.26 14.13 22.43
CA THR A 125 -10.63 15.44 22.57
C THR A 125 -10.49 16.16 21.24
N ARG A 126 -10.97 17.40 21.19
CA ARG A 126 -10.81 18.23 19.99
C ARG A 126 -10.18 19.57 20.34
N ARG A 127 -8.99 19.79 19.79
CA ARG A 127 -8.23 21.02 19.92
C ARG A 127 -7.83 21.47 18.53
N THR A 128 -7.79 22.79 18.32
CA THR A 128 -7.18 23.35 17.12
C THR A 128 -5.67 23.42 17.34
N LEU A 129 -4.93 23.74 16.29
CA LEU A 129 -3.50 24.02 16.45
C LEU A 129 -3.28 25.24 17.32
N GLU A 130 -4.17 26.22 17.24
CA GLU A 130 -4.14 27.37 18.14
C GLU A 130 -4.32 27.00 19.62
N ASP A 131 -5.26 26.10 19.93
CA ASP A 131 -5.46 25.63 21.31
C ASP A 131 -4.18 24.97 21.83
N TYR A 132 -3.58 24.13 20.98
CA TYR A 132 -2.32 23.47 21.30
C TYR A 132 -1.22 24.47 21.64
N ALA A 133 -1.14 25.53 20.84
CA ALA A 133 -0.13 26.57 21.05
C ALA A 133 -0.20 27.17 22.44
N GLN A 134 -1.41 27.54 22.88
CA GLN A 134 -1.64 28.11 24.20
C GLN A 134 -1.38 27.13 25.33
N GLN A 135 -1.45 25.84 25.03
CA GLN A 135 -1.12 24.80 26.01
C GLN A 135 0.40 24.60 26.12
N GLY A 136 1.17 25.36 25.34
CA GLY A 136 2.63 25.24 25.34
C GLY A 136 3.10 23.99 24.62
N PHE A 137 2.34 23.57 23.62
CA PHE A 137 2.58 22.31 22.92
C PHE A 137 3.79 22.37 21.99
N PHE A 138 4.19 23.57 21.59
CA PHE A 138 5.30 23.74 20.67
C PHE A 138 6.54 24.34 21.33
N LYS A 139 6.55 24.37 22.66
CA LYS A 139 7.60 25.05 23.43
C LYS A 139 8.78 24.15 23.77
N HIS A 140 8.65 22.85 23.54
CA HIS A 140 9.63 21.90 24.04
C HIS A 140 10.25 21.03 22.97
N VAL A 141 10.24 21.51 21.72
CA VAL A 141 10.88 20.76 20.63
C VAL A 141 12.41 20.81 20.76
N ARG A 142 13.01 19.64 20.92
CA ARG A 142 14.45 19.49 20.85
C ARG A 142 14.91 19.75 19.41
N PRO A 143 15.72 20.81 19.23
CA PRO A 143 16.10 21.26 17.90
C PRO A 143 16.80 20.19 17.04
N MET A 144 17.99 19.70 17.46
CA MET A 144 18.70 18.79 16.54
C MET A 144 19.91 18.15 17.14
N SER A 145 20.56 18.94 17.98
CA SER A 145 21.80 18.65 18.68
C SER A 145 22.01 17.19 19.07
N LYS A 146 23.26 16.76 18.95
CA LYS A 146 23.74 15.50 19.49
C LYS A 146 23.87 15.60 21.03
N SER A 147 23.34 16.70 21.58
CA SER A 147 23.35 17.02 23.01
C SER A 147 22.42 16.07 23.75
N LEU A 148 22.82 15.54 24.89
CA LEU A 148 21.95 14.59 25.60
C LEU A 148 20.90 15.32 26.44
N THR A 149 19.86 14.60 26.83
CA THR A 149 18.90 15.13 27.80
C THR A 149 19.55 15.17 29.17
N PRO A 150 19.00 15.97 30.11
CA PRO A 150 19.58 16.07 31.46
C PRO A 150 19.68 14.72 32.14
N PHE A 151 18.64 13.90 31.99
CA PHE A 151 18.60 12.54 32.49
C PHE A 151 19.76 11.65 31.97
N GLU A 152 20.12 11.80 30.69
CA GLU A 152 21.15 10.98 30.06
C GLU A 152 22.53 11.39 30.57
N GLN A 153 22.67 12.70 30.79
CA GLN A 153 23.89 13.31 31.30
C GLN A 153 24.14 12.79 32.69
N GLU A 154 23.07 12.75 33.46
CA GLU A 154 23.08 12.30 34.84
C GLU A 154 23.55 10.86 34.97
N LEU A 155 23.01 9.99 34.13
CA LEU A 155 23.35 8.57 34.13
C LEU A 155 24.81 8.35 33.73
N LEU A 156 25.27 9.11 32.75
CA LEU A 156 26.62 9.04 32.25
C LEU A 156 27.64 9.45 33.33
N ALA A 157 27.25 10.43 34.15
CA ALA A 157 28.07 10.93 35.24
C ALA A 157 28.22 9.91 36.37
N LEU A 158 27.11 9.25 36.70
CA LEU A 158 27.09 8.25 37.77
C LEU A 158 27.95 7.05 37.40
N LYS A 159 27.86 6.66 36.13
CA LYS A 159 28.67 5.59 35.55
C LYS A 159 30.16 5.95 35.60
N GLU A 160 30.47 7.17 35.17
CA GLU A 160 31.83 7.71 35.15
C GLU A 160 32.44 7.85 36.54
N ALA A 161 31.59 8.17 37.51
CA ALA A 161 31.97 8.23 38.92
C ALA A 161 32.19 6.84 39.51
N GLY A 162 31.60 5.84 38.87
CA GLY A 162 31.73 4.45 39.30
C GLY A 162 30.69 4.05 40.32
N ASP A 163 29.65 4.87 40.44
CA ASP A 163 28.56 4.60 41.37
C ASP A 163 27.50 3.77 40.65
N TYR A 164 27.75 2.48 40.53
CA TYR A 164 26.90 1.61 39.73
C TYR A 164 25.55 1.31 40.39
N MET A 165 25.51 1.30 41.72
CA MET A 165 24.25 1.13 42.42
C MET A 165 23.28 2.27 42.10
N SER A 166 23.75 3.51 42.26
CA SER A 166 22.96 4.69 41.92
C SER A 166 22.59 4.72 40.45
N PHE A 167 23.54 4.32 39.60
CA PHE A 167 23.31 4.24 38.16
C PHE A 167 22.11 3.35 37.85
N LEU A 168 22.10 2.16 38.43
CA LEU A 168 21.03 1.19 38.16
C LEU A 168 19.68 1.66 38.69
N ARG A 169 19.66 2.24 39.89
CA ARG A 169 18.45 2.83 40.46
C ARG A 169 17.92 3.95 39.56
N ARG A 170 18.78 4.86 39.15
CA ARG A 170 18.36 5.95 38.30
C ARG A 170 17.91 5.46 36.91
N ALA A 171 18.62 4.48 36.36
CA ALA A 171 18.25 3.91 35.06
C ALA A 171 16.82 3.40 35.04
N VAL A 172 16.44 2.68 36.11
CA VAL A 172 15.07 2.18 36.28
C VAL A 172 14.06 3.33 36.47
N GLN A 173 14.45 4.35 37.22
CA GLN A 173 13.60 5.51 37.45
C GLN A 173 13.44 6.33 36.18
N LEU A 174 14.51 6.42 35.41
CA LEU A 174 14.51 7.14 34.13
C LEU A 174 14.01 6.25 32.98
N GLU A 175 13.46 5.10 33.35
CA GLU A 175 12.81 4.17 32.41
C GLU A 175 13.66 3.72 31.23
N ARG A 176 14.95 3.51 31.47
CA ARG A 176 15.85 2.94 30.49
C ARG A 176 15.49 1.48 30.28
N VAL A 177 15.61 1.00 29.04
CA VAL A 177 15.46 -0.43 28.79
C VAL A 177 16.72 -1.14 29.26
N ILE A 178 16.54 -2.09 30.17
CA ILE A 178 17.64 -2.78 30.83
C ILE A 178 17.59 -4.27 30.54
N VAL A 179 18.72 -4.82 30.07
CA VAL A 179 18.88 -6.24 29.90
C VAL A 179 19.87 -6.72 30.94
N VAL A 180 19.45 -7.66 31.77
CA VAL A 180 20.32 -8.31 32.75
C VAL A 180 20.96 -9.52 32.11
N ALA A 181 22.27 -9.49 31.94
CA ALA A 181 23.00 -10.56 31.27
C ALA A 181 23.83 -11.36 32.25
N GLY A 182 24.14 -12.59 31.86
CA GLY A 182 24.92 -13.46 32.70
C GLY A 182 24.99 -14.86 32.15
N GLU A 183 26.08 -15.50 32.54
CA GLU A 183 26.31 -16.92 32.41
C GLU A 183 25.22 -17.66 33.20
N THR A 184 24.87 -18.86 32.75
CA THR A 184 23.85 -19.72 33.36
C THR A 184 24.14 -19.87 34.85
N GLY A 185 23.13 -19.70 35.71
CA GLY A 185 23.34 -19.82 37.16
C GLY A 185 24.16 -18.66 37.69
N SER A 186 23.77 -17.44 37.30
CA SER A 186 24.53 -16.25 37.66
C SER A 186 23.77 -15.40 38.65
N GLY A 187 22.45 -15.59 38.75
CA GLY A 187 21.58 -14.78 39.59
C GLY A 187 20.92 -13.62 38.86
N LYS A 188 20.72 -13.78 37.55
CA LYS A 188 20.13 -12.73 36.70
C LYS A 188 18.74 -12.35 37.18
N THR A 189 17.90 -13.36 37.37
CA THR A 189 16.53 -13.18 37.83
C THR A 189 16.48 -12.40 39.14
N THR A 190 17.39 -12.73 40.06
CA THR A 190 17.43 -12.06 41.37
C THR A 190 17.75 -10.57 41.22
N LEU A 191 18.75 -10.27 40.38
CA LEU A 191 19.08 -8.87 40.08
C LEU A 191 17.91 -8.17 39.41
N MET A 192 17.30 -8.85 38.44
CA MET A 192 16.13 -8.32 37.76
C MET A 192 15.04 -7.96 38.77
N LYS A 193 14.84 -8.85 39.75
CA LYS A 193 13.89 -8.61 40.84
C LYS A 193 14.27 -7.44 41.73
N ALA A 194 15.56 -7.28 41.97
CA ALA A 194 16.08 -6.14 42.71
C ALA A 194 15.83 -4.83 41.96
N LEU A 195 16.03 -4.85 40.65
CA LEU A 195 15.78 -3.69 39.80
C LEU A 195 14.30 -3.32 39.74
N MET A 196 13.44 -4.32 39.78
CA MET A 196 12.00 -4.11 39.73
C MET A 196 11.46 -3.39 40.96
N GLN A 197 12.15 -3.57 42.08
CA GLN A 197 11.77 -2.88 43.31
C GLN A 197 12.05 -1.37 43.25
N GLU A 198 12.78 -0.94 42.22
CA GLU A 198 13.06 0.48 42.01
C GLU A 198 12.00 1.15 41.15
N ILE A 199 11.14 0.34 40.55
CA ILE A 199 9.99 0.84 39.80
C ILE A 199 8.98 1.46 40.80
N PRO A 200 8.54 2.70 40.56
CA PRO A 200 7.53 3.31 41.43
C PRO A 200 6.30 2.42 41.54
N PHE A 201 5.79 2.32 42.77
CA PHE A 201 4.74 1.37 43.11
C PHE A 201 3.38 1.65 42.48
N ASP A 202 3.22 2.83 41.90
CA ASP A 202 1.94 3.21 41.31
C ASP A 202 1.87 2.97 39.79
N GLN A 203 2.91 2.37 39.24
CA GLN A 203 2.97 2.07 37.81
C GLN A 203 2.40 0.69 37.50
N ARG A 204 1.74 0.56 36.35
CA ARG A 204 1.16 -0.71 35.93
C ARG A 204 2.20 -1.61 35.28
N LEU A 205 2.32 -2.82 35.81
CA LEU A 205 3.33 -3.79 35.35
C LEU A 205 2.72 -5.06 34.82
N ILE A 206 3.28 -5.58 33.74
CA ILE A 206 2.88 -6.87 33.22
C ILE A 206 4.12 -7.75 33.06
N THR A 207 4.10 -8.91 33.73
CA THR A 207 5.21 -9.87 33.62
C THR A 207 4.85 -10.96 32.63
N ILE A 208 5.84 -11.36 31.82
CA ILE A 208 5.68 -12.49 30.90
C ILE A 208 6.72 -13.53 31.24
N GLU A 209 6.25 -14.69 31.68
CA GLU A 209 7.16 -15.76 32.09
C GLU A 209 6.57 -17.16 31.87
N ASP A 210 7.39 -18.19 32.08
CA ASP A 210 6.91 -19.56 31.97
C ASP A 210 6.72 -20.23 33.33
N VAL A 211 7.53 -19.86 34.33
CA VAL A 211 7.35 -20.35 35.68
C VAL A 211 7.37 -19.13 36.61
N PRO A 212 6.38 -19.04 37.52
CA PRO A 212 6.22 -17.86 38.38
C PRO A 212 7.44 -17.55 39.25
N GLU A 213 8.07 -16.41 39.01
CA GLU A 213 9.22 -15.98 39.80
C GLU A 213 9.20 -14.49 40.06
N LEU A 214 8.70 -13.73 39.10
CA LEU A 214 8.70 -12.29 39.18
C LEU A 214 7.47 -11.79 39.93
N PHE A 215 7.37 -12.14 41.21
CA PHE A 215 6.27 -11.68 42.08
C PHE A 215 6.38 -10.19 42.38
N LEU A 216 5.23 -9.55 42.54
CA LEU A 216 5.16 -8.11 42.75
C LEU A 216 4.33 -7.71 43.98
N PRO A 217 4.88 -7.92 45.18
CA PRO A 217 4.10 -7.62 46.40
C PRO A 217 3.79 -6.12 46.60
N ASP A 218 4.63 -5.26 46.05
CA ASP A 218 4.48 -3.82 46.29
C ASP A 218 3.92 -3.08 45.09
N HIS A 219 3.48 -3.83 44.08
CA HIS A 219 2.92 -3.25 42.87
C HIS A 219 1.51 -3.76 42.62
N PRO A 220 0.52 -3.21 43.34
CA PRO A 220 -0.85 -3.74 43.28
C PRO A 220 -1.42 -3.85 41.86
N ASN A 221 -1.10 -2.89 41.00
CA ASN A 221 -1.60 -2.86 39.64
C ASN A 221 -0.67 -3.67 38.73
N HIS A 222 -0.92 -4.97 38.64
CA HIS A 222 -0.10 -5.87 37.81
C HIS A 222 -0.86 -7.06 37.24
N VAL A 223 -0.31 -7.63 36.16
CA VAL A 223 -0.85 -8.85 35.56
C VAL A 223 0.30 -9.80 35.26
N HIS A 224 0.20 -11.03 35.74
CA HIS A 224 1.17 -12.06 35.43
C HIS A 224 0.69 -12.84 34.22
N LEU A 225 1.44 -12.77 33.12
CA LEU A 225 1.12 -13.59 31.95
C LEU A 225 2.05 -14.81 31.85
N PHE A 226 1.51 -15.91 31.36
CA PHE A 226 2.25 -17.18 31.30
C PHE A 226 2.16 -17.87 29.94
N TYR A 227 3.27 -18.43 29.49
CA TYR A 227 3.32 -19.26 28.29
C TYR A 227 3.86 -20.65 28.67
N PRO A 228 3.34 -21.71 28.03
CA PRO A 228 3.66 -23.08 28.44
C PRO A 228 5.13 -23.47 28.23
N VAL A 239 0.05 -20.17 22.47
CA VAL A 239 0.50 -19.11 23.36
C VAL A 239 2.02 -19.17 23.53
N THR A 240 2.69 -18.09 23.17
CA THR A 240 4.12 -17.99 23.33
C THR A 240 4.47 -16.67 24.01
N ALA A 241 5.73 -16.49 24.35
CA ALA A 241 6.21 -15.21 24.86
C ALA A 241 5.97 -14.10 23.84
N ALA A 242 6.04 -14.45 22.56
CA ALA A 242 5.80 -13.53 21.46
C ALA A 242 4.35 -13.04 21.40
N THR A 243 3.41 -13.96 21.49
CA THR A 243 1.99 -13.60 21.45
C THR A 243 1.58 -12.79 22.67
N LEU A 244 2.19 -13.08 23.81
CA LEU A 244 1.97 -12.33 25.05
C LEU A 244 2.51 -10.91 24.96
N LEU A 245 3.65 -10.74 24.30
CA LEU A 245 4.24 -9.43 24.09
C LEU A 245 3.33 -8.55 23.22
N ARG A 246 2.75 -9.17 22.19
CA ARG A 246 1.80 -8.47 21.32
C ARG A 246 0.51 -8.13 22.08
N SER A 247 0.10 -9.04 22.97
CA SER A 247 -1.05 -8.83 23.83
C SER A 247 -0.86 -7.58 24.69
N CYS A 248 0.36 -7.39 25.21
CA CYS A 248 0.70 -6.25 26.06
C CYS A 248 0.43 -4.88 25.43
N LEU A 249 0.58 -4.80 24.11
CA LEU A 249 0.30 -3.57 23.36
C LEU A 249 -1.14 -3.08 23.57
N ARG A 250 -2.05 -4.01 23.83
CA ARG A 250 -3.47 -3.70 23.99
C ARG A 250 -3.86 -3.68 25.45
N MET A 251 -2.85 -3.72 26.29
CA MET A 251 -3.04 -3.83 27.73
C MET A 251 -2.56 -2.63 28.52
N LYS A 252 -2.18 -1.53 27.91
CA LYS A 252 -1.81 -0.31 28.65
C LYS A 252 -0.82 -0.44 29.85
N PRO A 253 0.28 -1.21 29.68
CA PRO A 253 1.26 -1.29 30.76
C PRO A 253 2.16 -0.07 30.82
N THR A 254 2.69 0.23 31.99
CA THR A 254 3.70 1.26 32.14
C THR A 254 5.04 0.65 31.77
N ARG A 255 5.25 -0.58 32.22
CA ARG A 255 6.39 -1.37 31.76
C ARG A 255 6.05 -2.84 31.59
N ILE A 256 6.77 -3.48 30.67
CA ILE A 256 6.62 -4.88 30.39
C ILE A 256 7.88 -5.57 30.90
N LEU A 257 7.68 -6.64 31.64
CA LEU A 257 8.77 -7.34 32.26
C LEU A 257 8.83 -8.78 31.77
N LEU A 258 9.55 -8.99 30.66
CA LEU A 258 9.74 -10.32 30.09
C LEU A 258 10.89 -10.96 30.85
N ALA A 259 10.59 -12.09 31.49
CA ALA A 259 11.59 -12.78 32.29
C ALA A 259 12.89 -13.06 31.53
N GLU A 260 12.77 -13.53 30.29
CA GLU A 260 13.94 -13.98 29.53
C GLU A 260 13.72 -13.91 28.03
N LEU A 261 14.73 -13.42 27.32
CA LEU A 261 14.75 -13.45 25.86
C LEU A 261 15.50 -14.70 25.43
N ARG A 262 14.89 -15.49 24.55
CA ARG A 262 15.48 -16.78 24.17
C ARG A 262 15.49 -17.12 22.70
N GLY A 263 14.51 -16.62 21.96
CA GLY A 263 14.43 -16.86 20.52
C GLY A 263 13.70 -15.74 19.81
N GLY A 264 12.86 -16.14 18.84
CA GLY A 264 12.11 -15.21 18.01
C GLY A 264 11.41 -14.04 18.67
N GLU A 265 11.09 -14.14 19.97
CA GLU A 265 10.46 -13.05 20.73
C GLU A 265 11.30 -11.79 20.72
N ALA A 266 12.61 -11.97 20.60
CA ALA A 266 13.54 -10.86 20.57
C ALA A 266 13.11 -9.79 19.57
N TYR A 267 12.60 -10.24 18.43
CA TYR A 267 12.11 -9.36 17.40
C TYR A 267 10.89 -8.58 17.87
N ASP A 268 9.96 -9.29 18.49
CA ASP A 268 8.74 -8.70 19.03
C ASP A 268 9.06 -7.73 20.15
N PHE A 269 10.05 -8.09 20.96
CA PHE A 269 10.57 -7.23 22.02
C PHE A 269 11.08 -5.90 21.44
N ILE A 270 11.92 -5.99 20.42
CA ILE A 270 12.43 -4.83 19.72
C ILE A 270 11.27 -3.95 19.26
N ASN A 271 10.28 -4.60 18.67
CA ASN A 271 9.13 -3.94 18.09
C ASN A 271 8.27 -3.22 19.13
N VAL A 272 8.07 -3.89 20.26
CA VAL A 272 7.33 -3.35 21.39
C VAL A 272 8.06 -2.13 21.98
N ALA A 273 9.37 -2.25 22.18
CA ALA A 273 10.19 -1.17 22.71
C ALA A 273 10.30 0.00 21.76
N ALA A 274 10.44 -0.30 20.47
CA ALA A 274 10.40 0.72 19.43
C ALA A 274 9.04 1.45 19.41
N SER A 275 7.99 0.77 19.85
CA SER A 275 6.62 1.33 19.87
C SER A 275 6.43 2.40 20.92
N GLY A 276 7.40 2.51 21.82
CA GLY A 276 7.36 3.53 22.85
C GLY A 276 7.27 2.95 24.24
N HIS A 277 7.06 1.64 24.35
CA HIS A 277 7.03 1.00 25.65
C HIS A 277 8.43 0.95 26.26
N GLY A 278 8.72 1.91 27.14
CA GLY A 278 10.03 2.00 27.77
C GLY A 278 10.02 1.42 29.15
N GLY A 279 11.16 1.51 29.82
CA GLY A 279 11.27 1.04 31.20
C GLY A 279 11.27 -0.47 31.37
N SER A 280 11.38 -1.19 30.25
CA SER A 280 11.44 -2.65 30.27
C SER A 280 12.71 -3.18 30.91
N ILE A 281 12.55 -4.27 31.64
CA ILE A 281 13.67 -5.02 32.18
C ILE A 281 13.50 -6.47 31.76
N THR A 282 14.56 -7.07 31.25
CA THR A 282 14.56 -8.45 30.83
C THR A 282 15.93 -9.09 31.11
N SER A 283 16.08 -10.37 30.77
CA SER A 283 17.34 -11.06 30.95
C SER A 283 17.71 -11.93 29.75
N CYS A 284 18.97 -12.32 29.70
CA CYS A 284 19.53 -13.04 28.57
C CYS A 284 20.80 -13.74 29.00
N HIS A 285 20.89 -15.05 28.75
CA HIS A 285 22.15 -15.76 28.98
C HIS A 285 23.18 -15.27 27.97
N ALA A 286 24.27 -14.73 28.49
CA ALA A 286 25.40 -14.27 27.65
C ALA A 286 26.68 -14.20 28.46
N GLY A 287 27.81 -14.38 27.78
CA GLY A 287 29.12 -14.43 28.44
C GLY A 287 29.76 -13.07 28.64
N SER A 288 29.13 -12.04 28.10
CA SER A 288 29.54 -10.64 28.33
C SER A 288 28.47 -9.70 27.79
N CYS A 289 28.70 -8.40 27.97
CA CYS A 289 27.81 -7.37 27.40
C CYS A 289 27.76 -7.44 25.89
N GLU A 290 28.94 -7.42 25.26
CA GLU A 290 29.03 -7.53 23.80
C GLU A 290 28.42 -8.84 23.26
N LEU A 291 28.56 -9.93 24.01
CA LEU A 291 27.95 -11.23 23.65
C LEU A 291 26.42 -11.24 23.82
N THR A 292 25.91 -10.32 24.65
CA THR A 292 24.48 -10.14 24.82
C THR A 292 23.87 -9.67 23.51
N PHE A 293 24.40 -8.58 22.95
CA PHE A 293 23.93 -8.08 21.67
C PHE A 293 24.14 -9.10 20.56
N GLU A 294 25.24 -9.83 20.65
CA GLU A 294 25.56 -10.91 19.73
C GLU A 294 24.48 -11.98 19.75
N ARG A 295 24.11 -12.43 20.95
CA ARG A 295 23.10 -13.48 21.11
C ARG A 295 21.69 -13.00 20.82
N LEU A 296 21.40 -11.74 21.12
CA LEU A 296 20.09 -11.20 20.82
C LEU A 296 19.84 -11.12 19.33
N ALA A 297 20.89 -10.79 18.57
CA ALA A 297 20.82 -10.75 17.12
C ALA A 297 20.46 -12.11 16.55
N LEU A 298 21.07 -13.16 17.11
CA LEU A 298 20.83 -14.54 16.69
C LEU A 298 19.39 -14.94 16.95
N MET A 299 18.84 -14.47 18.07
CA MET A 299 17.44 -14.68 18.39
C MET A 299 16.48 -13.97 17.43
N VAL A 300 16.83 -12.76 17.00
CA VAL A 300 16.04 -12.03 16.01
C VAL A 300 15.95 -12.81 14.70
N LEU A 301 17.07 -13.41 14.29
CA LEU A 301 17.13 -14.23 13.07
C LEU A 301 16.25 -15.49 13.12
N GLN A 302 15.72 -15.80 14.30
CA GLN A 302 14.79 -16.91 14.46
C GLN A 302 13.36 -16.52 14.11
N ASN A 303 13.11 -15.22 14.01
CA ASN A 303 11.80 -14.73 13.61
C ASN A 303 11.70 -14.66 12.09
N ARG A 304 10.52 -14.94 11.55
CA ARG A 304 10.28 -14.90 10.12
C ARG A 304 10.52 -13.50 9.54
N GLN A 305 10.09 -12.47 10.26
CA GLN A 305 10.38 -11.10 9.86
C GLN A 305 11.80 -10.69 10.20
N GLY A 306 12.31 -11.19 11.32
CA GLY A 306 13.68 -10.91 11.75
C GLY A 306 14.70 -11.35 10.72
N ARG A 307 14.42 -12.46 10.04
CA ARG A 307 15.26 -12.99 8.96
C ARG A 307 15.41 -12.07 7.75
N GLN A 308 14.44 -11.20 7.52
CA GLN A 308 14.45 -10.29 6.37
C GLN A 308 15.40 -9.13 6.58
N LEU A 309 15.72 -8.85 7.84
CA LEU A 309 16.59 -7.75 8.20
C LEU A 309 18.04 -8.11 7.96
N PRO A 310 18.78 -7.25 7.24
CA PRO A 310 20.22 -7.42 7.20
C PRO A 310 20.79 -7.39 8.62
N TYR A 311 21.87 -8.14 8.83
CA TYR A 311 22.45 -8.25 10.15
C TYR A 311 22.79 -6.90 10.79
N GLU A 312 23.31 -5.99 9.97
CA GLU A 312 23.68 -4.65 10.46
C GLU A 312 22.47 -3.88 10.96
N ILE A 313 21.32 -4.13 10.35
CA ILE A 313 20.07 -3.49 10.73
C ILE A 313 19.56 -4.03 12.07
N ILE A 314 19.69 -5.34 12.25
CA ILE A 314 19.34 -5.96 13.52
C ILE A 314 20.17 -5.37 14.66
N ARG A 315 21.48 -5.31 14.46
CA ARG A 315 22.39 -4.73 15.45
C ARG A 315 22.09 -3.26 15.70
N ARG A 316 21.66 -2.53 14.68
CA ARG A 316 21.28 -1.14 14.86
C ARG A 316 19.98 -1.01 15.66
N LEU A 317 19.05 -1.92 15.43
CA LEU A 317 17.80 -1.95 16.17
C LEU A 317 18.01 -2.22 17.64
N LEU A 318 18.91 -3.14 17.95
CA LEU A 318 19.25 -3.45 19.32
C LEU A 318 19.84 -2.24 20.05
N TYR A 319 20.70 -1.49 19.37
CA TYR A 319 21.31 -0.33 19.98
C TYR A 319 20.32 0.83 20.17
N LEU A 320 19.33 0.90 19.30
CA LEU A 320 18.32 1.96 19.39
C LEU A 320 17.36 1.69 20.54
N VAL A 321 17.22 0.43 20.88
CA VAL A 321 16.18 -0.02 21.79
C VAL A 321 16.73 -0.39 23.18
N VAL A 322 17.93 -0.95 23.22
CA VAL A 322 18.51 -1.35 24.48
C VAL A 322 19.44 -0.28 25.03
N ASP A 323 19.10 0.25 26.20
CA ASP A 323 19.84 1.33 26.83
C ASP A 323 20.99 0.85 27.71
N VAL A 324 20.71 -0.18 28.52
CA VAL A 324 21.69 -0.69 29.49
C VAL A 324 21.76 -2.21 29.42
N VAL A 325 22.97 -2.73 29.48
CA VAL A 325 23.19 -4.16 29.69
C VAL A 325 24.05 -4.34 30.93
N VAL A 326 23.52 -5.08 31.91
CA VAL A 326 24.23 -5.38 33.14
C VAL A 326 24.63 -6.84 33.10
N HIS A 327 25.93 -7.11 33.18
CA HIS A 327 26.42 -8.47 33.12
C HIS A 327 26.81 -8.99 34.51
N VAL A 328 26.25 -10.13 34.87
CA VAL A 328 26.54 -10.77 36.14
C VAL A 328 27.53 -11.90 35.88
N HIS A 329 28.61 -11.91 36.66
CA HIS A 329 29.75 -12.79 36.43
C HIS A 329 29.93 -13.70 37.64
N ASN A 330 30.22 -14.96 37.37
CA ASN A 330 30.41 -16.01 38.38
C ASN A 330 31.61 -15.83 39.28
N GLY A 331 32.65 -15.17 38.81
CA GLY A 331 33.83 -14.97 39.64
C GLY A 331 34.56 -16.26 39.99
N VAL A 332 35.25 -16.77 38.91
CA VAL A 332 35.92 -18.10 38.87
C VAL A 332 37.39 -18.15 38.37
N HIS A 333 37.78 -17.23 37.49
CA HIS A 333 39.21 -17.13 37.12
C HIS A 333 40.02 -16.58 38.30
N ASP A 334 39.28 -16.03 39.33
CA ASP A 334 39.92 -15.43 40.51
C ASP A 334 39.18 -15.50 41.89
N GLY A 335 38.16 -16.35 42.05
CA GLY A 335 37.49 -16.58 43.35
C GLY A 335 36.84 -15.35 44.00
N THR A 336 36.37 -14.44 43.14
CA THR A 336 35.76 -13.20 43.63
C THR A 336 34.27 -13.38 43.91
N GLY A 337 33.71 -14.47 43.40
CA GLY A 337 32.30 -14.76 43.60
C GLY A 337 31.46 -14.00 42.60
N ARG A 338 30.15 -14.11 42.72
CA ARG A 338 29.27 -13.35 41.86
C ARG A 338 29.60 -11.87 42.05
N HIS A 339 29.63 -11.16 40.93
CA HIS A 339 29.87 -9.72 40.88
C HIS A 339 29.39 -9.22 39.52
N ILE A 340 29.30 -7.91 39.38
CA ILE A 340 29.01 -7.34 38.08
C ILE A 340 30.32 -7.01 37.36
N SER A 341 30.50 -7.60 36.18
CA SER A 341 31.74 -7.47 35.41
C SER A 341 31.76 -6.17 34.65
N GLU A 342 30.63 -5.86 34.02
CA GLU A 342 30.52 -4.67 33.21
C GLU A 342 29.10 -4.14 33.23
N VAL A 343 28.97 -2.83 33.14
CA VAL A 343 27.71 -2.19 32.86
C VAL A 343 27.89 -1.44 31.55
N TRP A 344 27.10 -1.81 30.54
CA TRP A 344 27.16 -1.17 29.23
C TRP A 344 26.11 -0.07 29.14
N TYR A 345 26.55 1.12 28.74
CA TYR A 345 25.66 2.24 28.53
C TYR A 345 26.32 3.22 27.56
N ASP A 346 25.72 3.37 26.39
CA ASP A 346 26.30 4.21 25.34
C ASP A 346 25.25 5.03 24.59
N PRO A 347 24.70 6.07 25.24
CA PRO A 347 23.65 6.86 24.59
C PRO A 347 24.16 7.71 23.43
N ASN A 348 25.45 8.02 23.41
CA ASN A 348 26.04 8.74 22.29
C ASN A 348 25.93 7.97 20.96
N THR A 349 25.82 6.64 21.00
CA THR A 349 25.59 5.88 19.78
C THR A 349 24.08 5.78 19.53
N LYS A 350 23.29 5.98 20.60
CA LYS A 350 21.82 6.00 20.53
C LYS A 350 21.32 7.32 19.96
N ARG A 351 22.00 8.40 20.34
CA ARG A 351 21.72 9.73 19.80
C ARG A 351 22.00 9.77 18.30
N ALA A 352 23.26 9.55 17.93
CA ALA A 352 23.71 9.53 16.53
C ALA A 352 22.92 8.54 15.66
N LEU A 353 23.16 7.24 15.88
CA LEU A 353 22.49 6.19 15.11
C LEU A 353 21.00 6.13 15.44
N ALA B 20 -30.47 -3.15 -17.54
CA ALA B 20 -31.53 -2.13 -17.37
C ALA B 20 -31.85 -1.91 -15.91
N SER B 21 -31.63 -2.92 -15.07
CA SER B 21 -31.91 -2.81 -13.63
C SER B 21 -31.01 -1.75 -13.01
N VAL B 22 -29.72 -1.75 -13.37
CA VAL B 22 -28.78 -0.76 -12.86
C VAL B 22 -29.10 0.63 -13.39
N ASN B 23 -29.44 0.70 -14.69
CA ASN B 23 -29.79 1.97 -15.31
C ASN B 23 -30.98 2.62 -14.64
N PHE B 24 -31.96 1.82 -14.24
CA PHE B 24 -33.11 2.31 -13.49
C PHE B 24 -32.66 3.00 -12.21
N HIS B 25 -31.84 2.32 -11.43
CA HIS B 25 -31.38 2.86 -10.14
C HIS B 25 -30.43 4.05 -10.32
N LEU B 26 -29.87 4.18 -11.51
CA LEU B 26 -28.97 5.27 -11.86
C LEU B 26 -29.70 6.55 -12.26
N GLU B 27 -31.00 6.44 -12.52
CA GLU B 27 -31.80 7.56 -13.01
C GLU B 27 -31.80 8.84 -12.15
N PRO B 28 -31.79 8.72 -10.81
CA PRO B 28 -31.65 9.95 -10.02
C PRO B 28 -30.32 10.69 -10.23
N LEU B 29 -29.37 10.07 -10.92
CA LEU B 29 -28.06 10.68 -11.16
C LEU B 29 -27.86 11.11 -12.61
N ARG B 30 -28.90 10.98 -13.43
CA ARG B 30 -28.82 11.30 -14.85
C ARG B 30 -28.28 12.71 -15.18
N PRO B 31 -28.77 13.76 -14.46
CA PRO B 31 -28.28 15.13 -14.74
C PRO B 31 -26.76 15.27 -14.70
N TRP B 32 -26.10 14.52 -13.82
CA TRP B 32 -24.66 14.63 -13.67
C TRP B 32 -23.92 13.56 -14.47
N LEU B 33 -24.57 12.43 -14.68
CA LEU B 33 -24.01 11.36 -15.51
C LEU B 33 -23.96 11.73 -16.99
N ASP B 34 -24.87 12.60 -17.40
CA ASP B 34 -24.96 13.02 -18.80
C ASP B 34 -24.29 14.37 -19.09
N ASP B 35 -23.93 15.11 -18.04
CA ASP B 35 -23.23 16.38 -18.17
C ASP B 35 -21.77 16.14 -18.53
N PRO B 36 -21.33 16.55 -19.73
CA PRO B 36 -19.96 16.32 -20.20
C PRO B 36 -18.90 17.05 -19.36
N GLN B 37 -19.27 18.16 -18.74
CA GLN B 37 -18.36 18.91 -17.86
C GLN B 37 -18.02 18.18 -16.55
N ILE B 38 -18.78 17.13 -16.24
CA ILE B 38 -18.62 16.38 -14.99
C ILE B 38 -17.87 15.07 -15.20
N THR B 39 -16.81 14.85 -14.42
CA THR B 39 -15.98 13.66 -14.56
C THR B 39 -16.28 12.58 -13.51
N GLU B 40 -16.74 12.99 -12.33
CA GLU B 40 -17.06 12.05 -11.25
C GLU B 40 -18.41 12.35 -10.61
N VAL B 41 -19.15 11.30 -10.28
CA VAL B 41 -20.40 11.43 -9.53
C VAL B 41 -20.35 10.56 -8.27
N CYS B 42 -20.40 11.20 -7.11
CA CYS B 42 -20.33 10.50 -5.84
C CYS B 42 -21.60 10.60 -5.01
N VAL B 43 -21.91 9.51 -4.32
CA VAL B 43 -22.92 9.49 -3.27
C VAL B 43 -22.23 8.99 -2.01
N ASN B 44 -22.18 9.84 -0.97
CA ASN B 44 -21.53 9.48 0.29
C ASN B 44 -22.56 9.01 1.31
N ARG B 45 -23.76 9.54 1.22
CA ARG B 45 -24.85 9.19 2.12
C ARG B 45 -26.17 9.46 1.44
N PRO B 46 -27.26 8.82 1.93
CA PRO B 46 -28.55 9.07 1.29
C PRO B 46 -28.90 10.55 1.25
N GLY B 47 -29.42 11.00 0.11
CA GLY B 47 -29.96 12.34 -0.01
C GLY B 47 -29.05 13.36 -0.66
N GLU B 48 -27.77 13.04 -0.79
CA GLU B 48 -26.83 13.97 -1.37
C GLU B 48 -26.01 13.35 -2.49
N VAL B 49 -25.48 14.24 -3.33
CA VAL B 49 -24.55 13.86 -4.38
C VAL B 49 -23.39 14.88 -4.37
N PHE B 50 -22.18 14.40 -4.60
CA PHE B 50 -21.05 15.27 -4.88
C PHE B 50 -20.50 14.97 -6.28
N CYS B 51 -20.33 16.02 -7.08
CA CYS B 51 -19.83 15.88 -8.46
C CYS B 51 -18.59 16.71 -8.69
N GLU B 52 -17.66 16.15 -9.46
CA GLU B 52 -16.45 16.87 -9.84
C GLU B 52 -16.59 17.48 -11.22
N ARG B 53 -16.51 18.80 -11.26
CA ARG B 53 -16.52 19.55 -12.50
C ARG B 53 -15.21 20.29 -12.54
N ALA B 54 -14.35 20.07 -13.52
CA ALA B 54 -13.04 20.75 -13.57
C ALA B 54 -12.27 20.70 -12.25
N SER B 55 -12.10 19.48 -11.73
CA SER B 55 -11.30 19.21 -10.53
C SER B 55 -11.81 19.89 -9.24
N ALA B 56 -13.06 20.34 -9.25
CA ALA B 56 -13.68 20.93 -8.07
C ALA B 56 -15.02 20.25 -7.78
N TRP B 57 -15.30 20.04 -6.50
CA TRP B 57 -16.50 19.33 -6.09
C TRP B 57 -17.68 20.26 -5.86
N GLU B 58 -18.86 19.78 -6.21
CA GLU B 58 -20.10 20.54 -6.03
C GLU B 58 -21.12 19.68 -5.31
N TYR B 59 -21.84 20.29 -4.37
CA TYR B 59 -22.87 19.60 -3.61
C TYR B 59 -24.24 19.79 -4.25
N TYR B 60 -25.01 18.72 -4.28
CA TYR B 60 -26.41 18.77 -4.72
C TYR B 60 -27.29 17.93 -3.80
N ALA B 61 -28.42 18.49 -3.38
CA ALA B 61 -29.38 17.79 -2.55
C ALA B 61 -30.33 16.99 -3.43
N VAL B 62 -30.28 15.67 -3.28
CA VAL B 62 -31.13 14.76 -4.04
C VAL B 62 -32.03 13.98 -3.11
N PRO B 63 -33.27 14.44 -2.91
CA PRO B 63 -34.20 13.90 -1.91
C PRO B 63 -34.52 12.43 -2.14
N ASN B 64 -34.95 12.12 -3.36
CA ASN B 64 -35.42 10.78 -3.71
C ASN B 64 -34.33 9.73 -3.83
N LEU B 65 -33.23 9.92 -3.12
CA LEU B 65 -32.13 8.95 -3.13
C LEU B 65 -31.94 8.36 -1.72
N ASP B 66 -32.93 7.57 -1.31
CA ASP B 66 -32.99 6.90 -0.02
C ASP B 66 -31.84 5.92 0.19
N TYR B 67 -31.64 5.55 1.46
CA TYR B 67 -30.74 4.46 1.80
C TYR B 67 -31.14 3.17 1.07
N GLU B 68 -32.44 2.89 1.02
CA GLU B 68 -32.97 1.69 0.35
C GLU B 68 -32.71 1.68 -1.15
N HIS B 69 -32.80 2.86 -1.77
CA HIS B 69 -32.49 3.00 -3.19
C HIS B 69 -31.03 2.60 -3.49
N LEU B 70 -30.12 3.02 -2.63
CA LEU B 70 -28.69 2.75 -2.81
C LEU B 70 -28.33 1.28 -2.57
N ILE B 71 -28.96 0.65 -1.58
CA ILE B 71 -28.80 -0.78 -1.38
C ILE B 71 -29.21 -1.54 -2.64
N SER B 72 -30.39 -1.22 -3.17
CA SER B 72 -30.89 -1.83 -4.40
C SER B 72 -30.01 -1.52 -5.61
N LEU B 73 -29.44 -0.33 -5.64
CA LEU B 73 -28.46 0.04 -6.67
C LEU B 73 -27.26 -0.91 -6.61
N GLY B 74 -26.76 -1.15 -5.40
CA GLY B 74 -25.65 -2.07 -5.19
C GLY B 74 -25.91 -3.46 -5.72
N THR B 75 -27.01 -4.07 -5.27
CA THR B 75 -27.35 -5.42 -5.69
C THR B 75 -27.53 -5.56 -7.20
N ALA B 76 -28.21 -4.60 -7.80
CA ALA B 76 -28.40 -4.56 -9.25
C ALA B 76 -27.07 -4.57 -10.00
N THR B 77 -26.13 -3.76 -9.53
CA THR B 77 -24.80 -3.66 -10.16
C THR B 77 -24.00 -4.95 -9.95
N ALA B 78 -24.15 -5.54 -8.77
CA ALA B 78 -23.51 -6.82 -8.47
C ALA B 78 -23.98 -7.91 -9.44
N ARG B 79 -25.30 -8.04 -9.59
CA ARG B 79 -25.86 -9.04 -10.50
C ARG B 79 -25.48 -8.81 -11.95
N PHE B 80 -25.18 -7.56 -12.29
CA PHE B 80 -24.79 -7.20 -13.66
C PHE B 80 -23.44 -7.78 -14.02
N VAL B 81 -22.59 -7.93 -13.01
CA VAL B 81 -21.26 -8.48 -13.19
C VAL B 81 -21.20 -9.90 -12.62
N ASP B 82 -22.34 -10.42 -12.17
CA ASP B 82 -22.40 -11.76 -11.57
C ASP B 82 -21.51 -11.86 -10.32
N GLN B 83 -21.80 -10.98 -9.36
CA GLN B 83 -21.21 -11.05 -8.03
C GLN B 83 -22.26 -10.79 -6.96
N ASP B 84 -21.87 -10.91 -5.71
CA ASP B 84 -22.78 -10.70 -4.58
C ASP B 84 -22.31 -9.54 -3.70
N ILE B 85 -23.26 -8.92 -3.00
CA ILE B 85 -22.97 -7.80 -2.09
C ILE B 85 -23.90 -7.80 -0.86
N SER B 86 -23.32 -8.13 0.29
CA SER B 86 -24.02 -8.06 1.57
C SER B 86 -23.01 -7.71 2.66
N ASP B 87 -23.35 -8.04 3.90
CA ASP B 87 -22.47 -7.78 5.04
C ASP B 87 -21.09 -8.42 4.89
N SER B 88 -21.01 -9.56 4.18
CA SER B 88 -19.76 -10.31 4.06
C SER B 88 -18.99 -10.01 2.78
N ARG B 89 -19.59 -9.23 1.88
CA ARG B 89 -18.97 -8.80 0.64
C ARG B 89 -19.29 -7.33 0.32
N PRO B 90 -18.81 -6.39 1.17
CA PRO B 90 -19.32 -5.02 1.19
C PRO B 90 -18.64 -4.06 0.21
N VAL B 91 -17.58 -4.50 -0.46
CA VAL B 91 -16.85 -3.67 -1.40
C VAL B 91 -17.03 -4.24 -2.82
N LEU B 92 -17.52 -3.39 -3.71
CA LEU B 92 -17.88 -3.81 -5.05
C LEU B 92 -17.25 -2.91 -6.10
N SER B 93 -16.68 -3.53 -7.12
CA SER B 93 -16.12 -2.83 -8.26
C SER B 93 -16.79 -3.33 -9.53
N ALA B 94 -17.24 -2.41 -10.37
CA ALA B 94 -17.96 -2.79 -11.58
C ALA B 94 -17.78 -1.79 -12.71
N ILE B 95 -18.05 -2.26 -13.93
CA ILE B 95 -18.05 -1.41 -15.10
C ILE B 95 -19.45 -1.42 -15.74
N LEU B 96 -20.06 -0.25 -15.80
CA LEU B 96 -21.41 -0.10 -16.31
C LEU B 96 -21.39 -0.16 -17.84
N PRO B 97 -22.55 -0.43 -18.47
CA PRO B 97 -22.55 -0.64 -19.91
C PRO B 97 -22.13 0.57 -20.73
N MET B 98 -22.29 1.78 -20.19
CA MET B 98 -21.85 2.98 -20.90
C MET B 98 -20.40 3.34 -20.60
N GLY B 99 -19.69 2.44 -19.94
CA GLY B 99 -18.27 2.58 -19.72
C GLY B 99 -17.84 3.19 -18.39
N GLU B 100 -18.80 3.60 -17.57
CA GLU B 100 -18.49 4.20 -16.27
C GLU B 100 -18.00 3.13 -15.31
N ARG B 101 -16.94 3.43 -14.55
CA ARG B 101 -16.58 2.53 -13.47
C ARG B 101 -17.19 2.98 -12.17
N ILE B 102 -17.68 2.01 -11.43
CA ILE B 102 -18.43 2.27 -10.23
C ILE B 102 -17.85 1.50 -9.06
N GLN B 103 -17.56 2.22 -7.99
CA GLN B 103 -17.11 1.62 -6.74
C GLN B 103 -18.21 1.81 -5.70
N ILE B 104 -18.63 0.69 -5.11
CA ILE B 104 -19.68 0.70 -4.10
C ILE B 104 -19.19 0.05 -2.80
N VAL B 105 -19.26 0.80 -1.71
CA VAL B 105 -19.00 0.28 -0.38
C VAL B 105 -20.28 0.37 0.43
N ARG B 106 -20.64 -0.73 1.08
CA ARG B 106 -21.87 -0.77 1.86
C ARG B 106 -21.59 -0.99 3.35
N PRO B 107 -22.60 -0.71 4.22
CA PRO B 107 -22.39 -0.39 5.62
C PRO B 107 -22.04 -1.41 6.72
N PRO B 108 -21.33 -2.51 6.40
CA PRO B 108 -20.31 -2.82 7.42
C PRO B 108 -19.02 -2.02 7.18
N ALA B 109 -18.58 -2.00 5.92
CA ALA B 109 -17.30 -1.39 5.56
C ALA B 109 -17.34 0.13 5.51
N CYS B 110 -18.52 0.72 5.41
CA CYS B 110 -18.64 2.18 5.49
C CYS B 110 -19.60 2.53 6.62
N GLU B 111 -19.65 3.81 6.97
CA GLU B 111 -20.52 4.31 8.03
C GLU B 111 -21.93 3.71 7.94
N HIS B 112 -22.51 3.43 9.11
CA HIS B 112 -23.86 2.85 9.23
C HIS B 112 -24.91 3.76 8.61
N GLY B 113 -25.93 3.16 8.01
CA GLY B 113 -27.03 3.91 7.39
C GLY B 113 -26.56 4.67 6.16
N THR B 114 -25.43 4.21 5.64
CA THR B 114 -24.70 4.93 4.62
C THR B 114 -24.24 3.95 3.55
N ILE B 115 -24.31 4.40 2.30
CA ILE B 115 -23.68 3.68 1.21
C ILE B 115 -22.79 4.67 0.48
N SER B 116 -21.62 4.21 0.07
CA SER B 116 -20.70 5.04 -0.68
C SER B 116 -20.65 4.59 -2.14
N VAL B 117 -20.96 5.52 -3.04
CA VAL B 117 -20.89 5.24 -4.46
C VAL B 117 -19.94 6.24 -5.12
N THR B 118 -19.06 5.73 -5.98
CA THR B 118 -18.20 6.56 -6.79
C THR B 118 -18.31 6.10 -8.24
N ILE B 119 -18.74 7.00 -9.12
CA ILE B 119 -18.80 6.72 -10.55
C ILE B 119 -17.78 7.57 -11.30
N ARG B 120 -16.79 6.90 -11.89
CA ARG B 120 -15.82 7.58 -12.74
C ARG B 120 -16.20 7.43 -14.21
N LYS B 121 -16.36 8.55 -14.90
CA LYS B 121 -16.84 8.53 -16.27
C LYS B 121 -15.70 8.42 -17.27
N PRO B 122 -15.96 7.77 -18.42
CA PRO B 122 -14.91 7.58 -19.42
C PRO B 122 -14.37 8.91 -19.91
N SER B 123 -13.08 8.93 -20.23
CA SER B 123 -12.43 10.10 -20.78
C SER B 123 -12.53 10.04 -22.31
N PHE B 124 -13.13 11.07 -22.90
CA PHE B 124 -13.39 11.10 -24.34
C PHE B 124 -12.65 12.21 -25.09
N THR B 125 -11.98 13.09 -24.35
CA THR B 125 -11.30 14.24 -24.94
C THR B 125 -10.24 13.86 -25.98
N ARG B 126 -10.30 14.51 -27.13
CA ARG B 126 -9.29 14.38 -28.18
C ARG B 126 -8.53 15.67 -28.32
N ARG B 127 -7.21 15.57 -28.23
CA ARG B 127 -6.32 16.69 -28.42
C ARG B 127 -5.09 16.17 -29.16
N THR B 128 -4.57 16.96 -30.10
CA THR B 128 -3.35 16.60 -30.80
C THR B 128 -2.16 17.18 -30.04
N LEU B 129 -0.96 16.81 -30.47
CA LEU B 129 0.25 17.36 -29.88
C LEU B 129 0.31 18.88 -30.03
N GLU B 130 -0.17 19.37 -31.18
CA GLU B 130 -0.28 20.80 -31.45
C GLU B 130 -1.25 21.54 -30.52
N ASP B 131 -2.36 20.88 -30.18
CA ASP B 131 -3.37 21.44 -29.28
C ASP B 131 -2.80 21.67 -27.88
N TYR B 132 -2.08 20.66 -27.38
CA TYR B 132 -1.43 20.72 -26.07
C TYR B 132 -0.43 21.86 -25.96
N ALA B 133 0.39 22.03 -27.01
CA ALA B 133 1.45 23.03 -27.04
C ALA B 133 0.90 24.44 -26.90
N GLN B 134 -0.04 24.80 -27.77
CA GLN B 134 -0.69 26.11 -27.76
C GLN B 134 -1.45 26.41 -26.46
N GLN B 135 -1.83 25.37 -25.73
CA GLN B 135 -2.49 25.51 -24.44
C GLN B 135 -1.50 25.45 -23.26
N GLY B 136 -0.22 25.37 -23.59
CA GLY B 136 0.86 25.47 -22.59
C GLY B 136 1.24 24.21 -21.84
N PHE B 137 1.05 23.06 -22.48
CA PHE B 137 1.29 21.77 -21.83
C PHE B 137 2.77 21.37 -21.74
N PHE B 138 3.62 22.04 -22.52
CA PHE B 138 5.05 21.74 -22.54
C PHE B 138 5.91 22.89 -21.99
N LYS B 139 5.27 23.98 -21.59
CA LYS B 139 5.96 25.17 -21.16
C LYS B 139 6.55 25.08 -19.75
N HIS B 140 5.99 24.19 -18.94
CA HIS B 140 6.29 24.15 -17.50
C HIS B 140 7.20 23.00 -17.08
N VAL B 141 7.86 22.36 -18.05
CA VAL B 141 8.75 21.24 -17.77
C VAL B 141 9.97 21.72 -16.98
N ARG B 142 9.98 21.41 -15.68
CA ARG B 142 11.07 21.81 -14.80
C ARG B 142 12.32 20.94 -14.97
N PRO B 143 13.50 21.60 -14.80
CA PRO B 143 14.90 21.07 -14.95
C PRO B 143 15.16 19.77 -14.17
N MET B 144 14.58 19.76 -12.95
CA MET B 144 14.65 18.67 -11.96
C MET B 144 15.98 18.73 -11.21
N SER B 145 16.29 19.94 -10.76
CA SER B 145 17.49 20.17 -9.98
C SER B 145 17.23 19.75 -8.55
N LYS B 146 18.24 19.14 -7.96
CA LYS B 146 18.16 18.87 -6.53
C LYS B 146 18.42 20.17 -5.75
N SER B 147 17.60 21.22 -6.05
CA SER B 147 17.72 22.53 -5.37
C SER B 147 16.46 22.92 -4.59
N LEU B 148 15.43 22.04 -4.49
CA LEU B 148 14.29 22.31 -3.54
C LEU B 148 13.25 23.41 -3.80
N THR B 149 12.22 22.93 -4.51
CA THR B 149 10.97 23.58 -4.79
C THR B 149 10.60 24.69 -3.81
N PRO B 150 10.16 25.84 -4.33
CA PRO B 150 9.71 26.97 -3.50
C PRO B 150 8.97 26.56 -2.23
N PHE B 151 8.06 25.59 -2.33
CA PHE B 151 7.28 25.14 -1.17
C PHE B 151 8.16 24.49 -0.14
N GLU B 152 9.09 23.67 -0.61
CA GLU B 152 10.00 22.97 0.29
C GLU B 152 10.90 23.93 1.04
N GLN B 153 11.40 24.95 0.35
CA GLN B 153 12.18 26.00 0.99
C GLN B 153 11.37 26.73 2.04
N GLU B 154 10.09 26.97 1.76
CA GLU B 154 9.19 27.63 2.70
C GLU B 154 9.03 26.80 3.97
N LEU B 155 8.78 25.52 3.81
CA LEU B 155 8.63 24.61 4.95
C LEU B 155 9.93 24.48 5.73
N LEU B 156 11.05 24.37 5.02
CA LEU B 156 12.35 24.26 5.69
C LEU B 156 12.68 25.52 6.49
N ALA B 157 12.30 26.68 5.97
CA ALA B 157 12.52 27.95 6.66
C ALA B 157 11.72 28.06 7.96
N LEU B 158 10.48 27.57 7.95
CA LEU B 158 9.63 27.59 9.15
C LEU B 158 10.20 26.70 10.25
N LYS B 159 10.60 25.48 9.87
CA LYS B 159 11.23 24.56 10.81
C LYS B 159 12.49 25.18 11.39
N GLU B 160 13.30 25.76 10.52
CA GLU B 160 14.54 26.42 10.89
C GLU B 160 14.30 27.58 11.87
N ALA B 161 13.24 28.34 11.63
CA ALA B 161 12.84 29.45 12.51
C ALA B 161 12.24 28.97 13.84
N GLY B 162 11.85 27.69 13.86
CA GLY B 162 11.26 27.08 15.05
C GLY B 162 9.78 27.34 15.21
N ASP B 163 9.14 27.79 14.13
CA ASP B 163 7.71 28.04 14.15
C ASP B 163 6.98 26.77 13.74
N TYR B 164 6.90 25.84 14.68
CA TYR B 164 6.39 24.50 14.41
C TYR B 164 4.88 24.46 14.15
N MET B 165 4.13 25.36 14.78
CA MET B 165 2.70 25.47 14.51
C MET B 165 2.44 25.85 13.05
N SER B 166 3.10 26.90 12.57
CA SER B 166 2.98 27.33 11.18
C SER B 166 3.47 26.27 10.23
N PHE B 167 4.56 25.60 10.62
CA PHE B 167 5.12 24.50 9.85
C PHE B 167 4.09 23.41 9.58
N LEU B 168 3.40 23.00 10.63
CA LEU B 168 2.42 21.93 10.53
C LEU B 168 1.19 22.35 9.72
N ARG B 169 0.73 23.58 9.94
CA ARG B 169 -0.35 24.14 9.14
C ARG B 169 0.01 24.20 7.66
N ARG B 170 1.20 24.72 7.36
CA ARG B 170 1.65 24.79 5.99
C ARG B 170 1.82 23.41 5.35
N ALA B 171 2.36 22.47 6.11
CA ALA B 171 2.59 21.12 5.61
C ALA B 171 1.30 20.48 5.13
N VAL B 172 0.24 20.67 5.89
CA VAL B 172 -1.09 20.14 5.55
C VAL B 172 -1.63 20.84 4.31
N GLN B 173 -1.43 22.16 4.26
CA GLN B 173 -1.89 22.96 3.14
C GLN B 173 -1.13 22.61 1.87
N LEU B 174 0.16 22.35 2.03
CA LEU B 174 1.03 21.94 0.92
C LEU B 174 0.99 20.44 0.65
N GLU B 175 0.01 19.77 1.27
CA GLU B 175 -0.29 18.36 1.03
C GLU B 175 0.88 17.39 1.24
N ARG B 176 1.71 17.69 2.24
CA ARG B 176 2.78 16.79 2.64
C ARG B 176 2.19 15.55 3.31
N VAL B 177 2.80 14.40 3.09
CA VAL B 177 2.40 13.21 3.81
C VAL B 177 2.95 13.30 5.23
N ILE B 178 2.04 13.26 6.20
CA ILE B 178 2.39 13.44 7.61
C ILE B 178 2.05 12.19 8.43
N VAL B 179 3.03 11.74 9.20
CA VAL B 179 2.83 10.65 10.14
C VAL B 179 2.97 11.22 11.54
N VAL B 180 1.90 11.08 12.33
CA VAL B 180 1.92 11.46 13.73
C VAL B 180 2.42 10.29 14.56
N ALA B 181 3.54 10.47 15.23
CA ALA B 181 4.15 9.41 16.03
C ALA B 181 4.09 9.71 17.51
N GLY B 182 4.21 8.66 18.31
CA GLY B 182 4.16 8.79 19.76
C GLY B 182 3.89 7.45 20.39
N GLU B 183 4.09 7.34 21.70
CA GLU B 183 3.70 6.11 22.37
C GLU B 183 2.19 6.04 22.55
N THR B 184 1.67 4.87 22.90
CA THR B 184 0.24 4.72 23.10
C THR B 184 -0.26 5.63 24.24
N GLY B 185 -1.33 6.34 23.95
CA GLY B 185 -1.93 7.26 24.90
C GLY B 185 -1.14 8.54 25.02
N SER B 186 -0.52 8.98 23.93
CA SER B 186 0.22 10.22 23.95
C SER B 186 -0.50 11.34 23.21
N GLY B 187 -1.70 11.04 22.71
CA GLY B 187 -2.56 12.02 22.06
C GLY B 187 -2.36 12.19 20.56
N LYS B 188 -1.90 11.13 19.90
CA LYS B 188 -1.64 11.16 18.44
C LYS B 188 -2.90 11.45 17.65
N THR B 189 -3.97 10.72 17.96
CA THR B 189 -5.27 10.90 17.35
C THR B 189 -5.76 12.34 17.44
N THR B 190 -5.62 12.95 18.62
CA THR B 190 -6.05 14.32 18.84
C THR B 190 -5.28 15.28 17.95
N LEU B 191 -3.95 15.12 17.89
CA LEU B 191 -3.13 15.94 17.01
C LEU B 191 -3.50 15.72 15.55
N MET B 192 -3.73 14.45 15.18
CA MET B 192 -4.12 14.08 13.84
C MET B 192 -5.41 14.80 13.47
N LYS B 193 -6.35 14.83 14.42
CA LYS B 193 -7.60 15.59 14.26
C LYS B 193 -7.38 17.09 14.15
N ALA B 194 -6.45 17.64 14.92
CA ALA B 194 -6.09 19.06 14.82
C ALA B 194 -5.53 19.37 13.44
N LEU B 195 -4.69 18.48 12.93
CA LEU B 195 -4.08 18.64 11.61
C LEU B 195 -5.10 18.54 10.48
N MET B 196 -6.12 17.71 10.68
CA MET B 196 -7.19 17.54 9.69
C MET B 196 -8.04 18.78 9.53
N GLN B 197 -8.15 19.58 10.58
CA GLN B 197 -8.89 20.82 10.52
C GLN B 197 -8.19 21.87 9.64
N GLU B 198 -6.94 21.60 9.28
CA GLU B 198 -6.18 22.50 8.40
C GLU B 198 -6.37 22.15 6.92
N ILE B 199 -7.00 21.02 6.63
CA ILE B 199 -7.36 20.63 5.28
C ILE B 199 -8.52 21.51 4.83
N PRO B 200 -8.42 22.11 3.62
CA PRO B 200 -9.50 22.93 3.07
C PRO B 200 -10.81 22.17 3.04
N PHE B 201 -11.88 22.85 3.47
CA PHE B 201 -13.17 22.23 3.68
C PHE B 201 -13.86 21.72 2.42
N ASP B 202 -13.34 22.07 1.25
CA ASP B 202 -13.97 21.66 0.00
C ASP B 202 -13.29 20.44 -0.64
N GLN B 203 -12.33 19.86 0.08
CA GLN B 203 -11.62 18.68 -0.40
C GLN B 203 -12.32 17.41 0.02
N ARG B 204 -12.27 16.39 -0.84
CA ARG B 204 -12.92 15.12 -0.56
C ARG B 204 -12.02 14.25 0.31
N LEU B 205 -12.54 13.79 1.44
CA LEU B 205 -11.78 13.03 2.42
C LEU B 205 -12.35 11.65 2.69
N ILE B 206 -11.48 10.67 2.81
CA ILE B 206 -11.90 9.32 3.16
C ILE B 206 -11.08 8.84 4.37
N THR B 207 -11.77 8.49 5.45
CA THR B 207 -11.13 7.98 6.64
C THR B 207 -11.20 6.47 6.66
N ILE B 208 -10.12 5.84 7.08
CA ILE B 208 -10.10 4.39 7.27
C ILE B 208 -9.74 4.10 8.72
N GLU B 209 -10.68 3.53 9.46
CA GLU B 209 -10.46 3.26 10.88
C GLU B 209 -11.18 2.00 11.36
N ASP B 210 -10.83 1.53 12.56
CA ASP B 210 -11.57 0.44 13.18
C ASP B 210 -12.45 0.90 14.35
N VAL B 211 -12.09 2.04 14.96
CA VAL B 211 -12.99 2.73 15.88
C VAL B 211 -13.31 4.14 15.37
N PRO B 212 -14.61 4.53 15.39
CA PRO B 212 -15.00 5.85 14.87
C PRO B 212 -14.46 6.96 15.77
N GLU B 213 -13.52 7.74 15.25
CA GLU B 213 -12.92 8.83 16.02
C GLU B 213 -12.63 10.04 15.15
N LEU B 214 -12.30 9.79 13.89
CA LEU B 214 -11.93 10.87 12.97
C LEU B 214 -13.16 11.50 12.33
N PHE B 215 -14.01 12.09 13.15
CA PHE B 215 -15.21 12.80 12.68
C PHE B 215 -14.84 14.05 11.88
N LEU B 216 -15.65 14.38 10.90
CA LEU B 216 -15.38 15.52 10.02
C LEU B 216 -16.58 16.48 9.88
N PRO B 217 -16.86 17.25 10.95
CA PRO B 217 -18.01 18.16 10.94
C PRO B 217 -17.94 19.27 9.89
N ASP B 218 -16.72 19.63 9.49
CA ASP B 218 -16.51 20.76 8.58
C ASP B 218 -16.14 20.33 7.17
N HIS B 219 -16.16 19.03 6.92
CA HIS B 219 -15.84 18.51 5.60
C HIS B 219 -17.02 17.71 5.02
N PRO B 220 -18.02 18.40 4.48
CA PRO B 220 -19.25 17.72 4.02
C PRO B 220 -19.01 16.55 3.04
N ASN B 221 -18.01 16.67 2.17
CA ASN B 221 -17.68 15.63 1.21
C ASN B 221 -16.70 14.63 1.79
N HIS B 222 -17.22 13.61 2.46
CA HIS B 222 -16.39 12.59 3.09
C HIS B 222 -17.08 11.22 3.19
N VAL B 223 -16.26 10.19 3.33
CA VAL B 223 -16.73 8.83 3.55
C VAL B 223 -15.90 8.23 4.69
N HIS B 224 -16.58 7.66 5.68
CA HIS B 224 -15.92 6.93 6.74
C HIS B 224 -15.93 5.45 6.39
N LEU B 225 -14.74 4.87 6.20
CA LEU B 225 -14.60 3.43 5.96
C LEU B 225 -14.16 2.71 7.23
N PHE B 226 -14.67 1.50 7.43
CA PHE B 226 -14.41 0.75 8.65
C PHE B 226 -14.00 -0.70 8.38
N TYR B 227 -13.06 -1.20 9.18
CA TYR B 227 -12.64 -2.60 9.13
C TYR B 227 -12.77 -3.22 10.52
N PRO B 228 -13.17 -4.50 10.60
CA PRO B 228 -13.48 -5.11 11.89
C PRO B 228 -12.22 -5.42 12.71
N PRO B 238 -12.29 -11.25 3.82
CA PRO B 238 -12.24 -10.33 4.95
C PRO B 238 -11.93 -8.90 4.53
N VAL B 239 -12.50 -7.94 5.26
CA VAL B 239 -12.27 -6.52 5.07
C VAL B 239 -11.14 -6.12 6.00
N THR B 240 -10.10 -5.49 5.45
CA THR B 240 -9.00 -4.99 6.26
C THR B 240 -8.70 -3.53 5.93
N ALA B 241 -7.77 -2.93 6.68
CA ALA B 241 -7.32 -1.58 6.36
C ALA B 241 -6.69 -1.57 4.97
N ALA B 242 -6.05 -2.69 4.59
CA ALA B 242 -5.38 -2.81 3.30
C ALA B 242 -6.36 -2.82 2.14
N THR B 243 -7.42 -3.62 2.25
CA THR B 243 -8.45 -3.66 1.21
C THR B 243 -9.13 -2.30 1.05
N LEU B 244 -9.36 -1.63 2.19
CA LEU B 244 -9.96 -0.30 2.20
C LEU B 244 -9.08 0.76 1.54
N LEU B 245 -7.77 0.63 1.71
CA LEU B 245 -6.83 1.51 1.02
C LEU B 245 -6.88 1.31 -0.48
N ARG B 246 -6.96 0.06 -0.92
CA ARG B 246 -7.07 -0.26 -2.34
C ARG B 246 -8.41 0.24 -2.91
N SER B 247 -9.46 0.14 -2.10
CA SER B 247 -10.77 0.66 -2.46
C SER B 247 -10.72 2.16 -2.74
N CYS B 248 -9.95 2.88 -1.92
CA CYS B 248 -9.77 4.33 -2.05
C CYS B 248 -9.25 4.76 -3.41
N LEU B 249 -8.44 3.92 -4.05
CA LEU B 249 -7.92 4.20 -5.40
C LEU B 249 -9.03 4.40 -6.43
N ARG B 250 -10.16 3.74 -6.21
CA ARG B 250 -11.30 3.82 -7.12
C ARG B 250 -12.39 4.74 -6.61
N MET B 251 -12.06 5.52 -5.59
CA MET B 251 -13.03 6.41 -4.96
C MET B 251 -12.72 7.90 -5.11
N LYS B 252 -11.82 8.34 -5.96
CA LYS B 252 -11.53 9.78 -6.16
C LYS B 252 -11.35 10.69 -4.90
N PRO B 253 -10.58 10.24 -3.90
CA PRO B 253 -10.37 11.14 -2.76
C PRO B 253 -9.29 12.18 -3.04
N THR B 254 -9.36 13.31 -2.35
CA THR B 254 -8.30 14.29 -2.39
C THR B 254 -7.23 13.88 -1.37
N ARG B 255 -7.66 13.44 -0.20
CA ARG B 255 -6.75 12.79 0.74
C ARG B 255 -7.35 11.60 1.45
N ILE B 256 -6.47 10.65 1.78
CA ILE B 256 -6.83 9.46 2.51
C ILE B 256 -6.30 9.60 3.93
N LEU B 257 -7.16 9.35 4.90
CA LEU B 257 -6.79 9.52 6.30
C LEU B 257 -6.93 8.18 7.01
N LEU B 258 -5.86 7.40 7.00
CA LEU B 258 -5.79 6.13 7.69
C LEU B 258 -5.45 6.45 9.14
N ALA B 259 -6.35 6.09 10.05
CA ALA B 259 -6.16 6.33 11.48
C ALA B 259 -4.78 5.89 11.96
N GLU B 260 -4.37 4.68 11.59
CA GLU B 260 -3.19 4.09 12.17
C GLU B 260 -2.56 3.01 11.29
N LEU B 261 -1.24 3.09 11.14
CA LEU B 261 -0.47 2.04 10.47
C LEU B 261 0.04 1.05 11.50
N ARG B 262 -0.24 -0.24 11.27
CA ARG B 262 0.04 -1.26 12.29
C ARG B 262 0.71 -2.52 11.77
N GLY B 263 0.45 -2.87 10.51
CA GLY B 263 1.03 -4.06 9.92
C GLY B 263 1.15 -3.94 8.41
N GLY B 264 0.84 -5.03 7.72
CA GLY B 264 0.96 -5.15 6.27
C GLY B 264 0.42 -4.02 5.42
N GLU B 265 -0.53 -3.24 5.95
CA GLU B 265 -1.11 -2.09 5.23
C GLU B 265 -0.06 -1.05 4.88
N ALA B 266 1.01 -0.97 5.68
CA ALA B 266 2.09 -0.03 5.42
C ALA B 266 2.57 -0.09 3.98
N TYR B 267 2.63 -1.31 3.43
CA TYR B 267 3.04 -1.51 2.06
C TYR B 267 2.02 -0.90 1.08
N ASP B 268 0.74 -1.16 1.34
CA ASP B 268 -0.34 -0.59 0.54
C ASP B 268 -0.39 0.92 0.66
N PHE B 269 -0.09 1.42 1.85
CA PHE B 269 0.02 2.85 2.09
C PHE B 269 1.09 3.45 1.21
N ILE B 270 2.28 2.86 1.22
CA ILE B 270 3.39 3.31 0.38
C ILE B 270 2.93 3.35 -1.07
N ASN B 271 2.27 2.28 -1.49
CA ASN B 271 1.84 2.10 -2.86
C ASN B 271 0.82 3.13 -3.28
N VAL B 272 -0.14 3.42 -2.40
CA VAL B 272 -1.15 4.44 -2.61
C VAL B 272 -0.50 5.82 -2.71
N ALA B 273 0.39 6.13 -1.78
CA ALA B 273 1.09 7.41 -1.76
C ALA B 273 1.99 7.58 -2.98
N ALA B 274 2.64 6.49 -3.40
CA ALA B 274 3.49 6.49 -4.60
C ALA B 274 2.66 6.66 -5.87
N SER B 275 1.38 6.30 -5.78
CA SER B 275 0.47 6.40 -6.93
C SER B 275 0.01 7.84 -7.14
N GLY B 276 0.43 8.73 -6.26
CA GLY B 276 0.12 10.15 -6.41
C GLY B 276 -0.97 10.68 -5.51
N HIS B 277 -1.45 9.88 -4.57
CA HIS B 277 -2.39 10.36 -3.56
C HIS B 277 -1.59 10.99 -2.43
N GLY B 278 -1.52 12.33 -2.41
CA GLY B 278 -0.74 13.06 -1.41
C GLY B 278 -1.60 13.58 -0.29
N GLY B 279 -1.03 14.39 0.59
CA GLY B 279 -1.78 15.04 1.67
C GLY B 279 -2.32 14.11 2.75
N SER B 280 -1.86 12.85 2.71
CA SER B 280 -2.23 11.87 3.72
C SER B 280 -1.73 12.23 5.10
N ILE B 281 -2.56 11.98 6.10
CA ILE B 281 -2.16 12.06 7.50
C ILE B 281 -2.48 10.73 8.12
N THR B 282 -1.54 10.18 8.86
CA THR B 282 -1.75 8.93 9.59
C THR B 282 -0.99 8.94 10.92
N SER B 283 -1.07 7.86 11.67
CA SER B 283 -0.32 7.76 12.92
C SER B 283 0.38 6.41 13.05
N CYS B 284 1.27 6.34 14.03
CA CYS B 284 2.07 5.16 14.24
C CYS B 284 2.65 5.20 15.64
N HIS B 285 2.48 4.14 16.40
CA HIS B 285 3.12 4.01 17.70
C HIS B 285 4.62 3.88 17.50
N ALA B 286 5.37 4.84 18.03
CA ALA B 286 6.84 4.82 17.97
C ALA B 286 7.45 5.68 19.05
N GLY B 287 8.65 5.32 19.48
CA GLY B 287 9.35 6.01 20.57
C GLY B 287 10.16 7.21 20.14
N SER B 288 10.23 7.45 18.84
CA SER B 288 10.88 8.63 18.26
C SER B 288 10.60 8.67 16.76
N CYS B 289 11.05 9.75 16.11
CA CYS B 289 10.92 9.87 14.66
C CYS B 289 11.67 8.77 13.89
N GLU B 290 12.92 8.51 14.25
CA GLU B 290 13.68 7.45 13.59
C GLU B 290 13.05 6.07 13.85
N LEU B 291 12.58 5.85 15.07
CA LEU B 291 11.89 4.62 15.41
C LEU B 291 10.59 4.45 14.62
N THR B 292 10.00 5.56 14.17
CA THR B 292 8.82 5.52 13.31
C THR B 292 9.17 4.84 11.99
N PHE B 293 10.21 5.32 11.31
CA PHE B 293 10.63 4.70 10.06
C PHE B 293 11.11 3.27 10.29
N GLU B 294 11.69 3.06 11.46
CA GLU B 294 12.15 1.73 11.87
C GLU B 294 10.99 0.78 12.00
N ARG B 295 9.92 1.22 12.66
CA ARG B 295 8.73 0.37 12.83
C ARG B 295 7.90 0.24 11.56
N LEU B 296 7.84 1.29 10.75
CA LEU B 296 7.12 1.23 9.48
C LEU B 296 7.73 0.19 8.54
N ALA B 297 9.06 0.08 8.56
CA ALA B 297 9.76 -0.93 7.76
C ALA B 297 9.39 -2.34 8.18
N LEU B 298 9.29 -2.57 9.49
CA LEU B 298 8.89 -3.86 10.02
C LEU B 298 7.47 -4.21 9.61
N MET B 299 6.61 -3.21 9.52
CA MET B 299 5.24 -3.42 9.08
C MET B 299 5.18 -3.83 7.61
N VAL B 300 6.01 -3.20 6.79
CA VAL B 300 6.09 -3.53 5.36
C VAL B 300 6.51 -5.00 5.16
N LEU B 301 7.43 -5.47 5.99
CA LEU B 301 7.88 -6.85 5.94
C LEU B 301 6.81 -7.88 6.30
N GLN B 302 5.66 -7.40 6.78
CA GLN B 302 4.53 -8.27 7.07
C GLN B 302 3.66 -8.53 5.85
N ASN B 303 3.88 -7.76 4.81
CA ASN B 303 3.19 -7.91 3.55
C ASN B 303 3.91 -8.95 2.70
N ARG B 304 3.13 -9.75 1.96
CA ARG B 304 3.68 -10.76 1.05
C ARG B 304 4.61 -10.15 -0.01
N GLN B 305 4.21 -9.02 -0.58
CA GLN B 305 5.07 -8.29 -1.51
C GLN B 305 6.16 -7.53 -0.80
N GLY B 306 5.83 -6.95 0.36
CA GLY B 306 6.80 -6.19 1.14
C GLY B 306 8.02 -7.02 1.50
N ARG B 307 7.79 -8.30 1.76
CA ARG B 307 8.84 -9.27 2.06
C ARG B 307 9.88 -9.43 0.94
N GLN B 308 9.49 -9.18 -0.31
CA GLN B 308 10.39 -9.35 -1.46
C GLN B 308 11.36 -8.18 -1.60
N LEU B 309 11.05 -7.08 -0.93
CA LEU B 309 11.85 -5.90 -1.02
C LEU B 309 13.04 -6.00 -0.08
N PRO B 310 14.25 -5.73 -0.61
CA PRO B 310 15.39 -5.57 0.27
C PRO B 310 15.11 -4.46 1.29
N TYR B 311 15.66 -4.60 2.49
CA TYR B 311 15.40 -3.62 3.54
C TYR B 311 15.76 -2.20 3.11
N GLU B 312 16.86 -2.04 2.39
CA GLU B 312 17.31 -0.71 1.94
C GLU B 312 16.27 -0.05 1.02
N ILE B 313 15.61 -0.89 0.23
CA ILE B 313 14.57 -0.45 -0.70
C ILE B 313 13.30 -0.04 0.06
N ILE B 314 12.94 -0.76 1.11
CA ILE B 314 11.83 -0.37 1.97
C ILE B 314 12.09 0.98 2.62
N ARG B 315 13.27 1.13 3.23
CA ARG B 315 13.68 2.39 3.85
C ARG B 315 13.70 3.54 2.85
N ARG B 316 14.07 3.24 1.61
CA ARG B 316 14.07 4.24 0.57
C ARG B 316 12.65 4.62 0.13
N LEU B 317 11.75 3.65 0.09
CA LEU B 317 10.36 3.91 -0.24
C LEU B 317 9.68 4.78 0.81
N LEU B 318 9.97 4.53 2.08
CA LEU B 318 9.46 5.35 3.17
C LEU B 318 9.92 6.80 3.05
N TYR B 319 11.20 7.01 2.72
CA TYR B 319 11.71 8.38 2.57
C TYR B 319 11.13 9.10 1.36
N LEU B 320 10.82 8.36 0.30
CA LEU B 320 10.24 8.96 -0.89
C LEU B 320 8.78 9.35 -0.69
N VAL B 321 8.12 8.67 0.23
CA VAL B 321 6.68 8.80 0.42
C VAL B 321 6.31 9.61 1.67
N VAL B 322 7.08 9.49 2.74
CA VAL B 322 6.80 10.19 3.99
C VAL B 322 7.57 11.51 4.08
N ASP B 323 6.83 12.62 4.13
CA ASP B 323 7.42 13.94 4.14
C ASP B 323 7.76 14.42 5.55
N VAL B 324 6.81 14.26 6.48
CA VAL B 324 6.95 14.75 7.84
C VAL B 324 6.58 13.68 8.84
N VAL B 325 7.36 13.59 9.92
CA VAL B 325 7.00 12.79 11.08
C VAL B 325 6.99 13.71 12.30
N VAL B 326 5.83 13.80 12.96
CA VAL B 326 5.68 14.56 14.20
C VAL B 326 5.61 13.58 15.36
N HIS B 327 6.54 13.70 16.30
CA HIS B 327 6.54 12.82 17.47
C HIS B 327 5.96 13.53 18.70
N VAL B 328 4.98 12.87 19.32
CA VAL B 328 4.36 13.38 20.54
C VAL B 328 4.89 12.62 21.75
N HIS B 329 5.20 13.36 22.79
CA HIS B 329 5.86 12.84 23.98
C HIS B 329 4.96 13.16 25.16
N ASN B 330 4.83 12.22 26.08
CA ASN B 330 3.96 12.46 27.24
C ASN B 330 4.59 13.33 28.33
N GLY B 331 5.88 13.62 28.28
CA GLY B 331 6.52 14.45 29.32
C GLY B 331 6.15 14.06 30.75
N VAL B 332 6.58 12.87 31.15
CA VAL B 332 6.22 12.29 32.44
C VAL B 332 7.27 12.59 33.50
N HIS B 333 8.51 12.19 33.21
CA HIS B 333 9.64 12.37 34.12
C HIS B 333 9.95 13.84 34.38
N ASP B 334 10.26 14.59 33.33
CA ASP B 334 10.64 16.00 33.45
C ASP B 334 9.48 16.88 33.90
N GLY B 335 8.29 16.30 34.00
CA GLY B 335 7.09 17.04 34.40
C GLY B 335 6.70 18.09 33.37
N THR B 336 7.12 17.88 32.13
CA THR B 336 6.86 18.79 31.02
C THR B 336 5.41 18.69 30.55
N GLY B 337 4.85 17.49 30.64
CA GLY B 337 3.51 17.23 30.13
C GLY B 337 3.50 16.99 28.63
N ARG B 338 2.31 17.09 28.04
CA ARG B 338 2.09 16.77 26.63
C ARG B 338 2.74 17.81 25.71
N HIS B 339 3.68 17.35 24.88
CA HIS B 339 4.41 18.22 23.95
C HIS B 339 4.94 17.45 22.74
N ILE B 340 5.33 18.20 21.72
CA ILE B 340 6.06 17.66 20.57
C ILE B 340 7.54 17.64 20.89
N SER B 341 8.19 16.49 20.73
CA SER B 341 9.61 16.37 21.04
C SER B 341 10.48 16.64 19.82
N GLU B 342 10.03 16.18 18.65
CA GLU B 342 10.76 16.39 17.41
C GLU B 342 9.82 16.42 16.21
N VAL B 343 10.22 17.21 15.22
CA VAL B 343 9.56 17.24 13.92
C VAL B 343 10.63 16.87 12.90
N TRP B 344 10.42 15.78 12.19
CA TRP B 344 11.34 15.33 11.16
C TRP B 344 10.87 15.81 9.80
N TYR B 345 11.77 16.45 9.06
CA TYR B 345 11.50 16.90 7.71
C TYR B 345 12.81 17.01 6.95
N ASP B 346 12.95 16.23 5.89
CA ASP B 346 14.20 16.20 5.14
C ASP B 346 13.99 16.02 3.63
N PRO B 347 13.50 17.07 2.96
CA PRO B 347 13.23 16.94 1.52
C PRO B 347 14.51 16.76 0.70
N ASN B 348 15.66 16.99 1.33
CA ASN B 348 16.95 16.69 0.74
C ASN B 348 17.32 15.20 0.83
N THR B 349 16.29 14.36 1.03
CA THR B 349 16.51 12.92 1.08
C THR B 349 15.60 12.33 0.02
N LYS B 350 14.51 13.05 -0.27
CA LYS B 350 13.44 12.60 -1.15
C LYS B 350 13.78 12.73 -2.64
N ASP C 12 -9.50 -41.81 -39.02
CA ASP C 12 -9.70 -41.41 -40.44
C ASP C 12 -10.94 -40.55 -40.61
N GLU C 13 -12.07 -41.18 -40.94
CA GLU C 13 -13.29 -40.47 -41.35
C GLU C 13 -13.72 -39.37 -40.40
N ALA C 14 -13.70 -39.65 -39.10
CA ALA C 14 -14.05 -38.67 -38.07
C ALA C 14 -13.24 -37.39 -38.21
N ALA C 15 -11.92 -37.54 -38.33
CA ALA C 15 -11.01 -36.40 -38.50
C ALA C 15 -11.22 -35.70 -39.83
N VAL C 16 -11.41 -36.48 -40.90
CA VAL C 16 -11.73 -35.96 -42.24
C VAL C 16 -13.03 -35.14 -42.27
N LYS C 17 -14.05 -35.63 -41.57
CA LYS C 17 -15.33 -34.93 -41.47
C LYS C 17 -15.17 -33.61 -40.74
N ARG C 18 -14.39 -33.61 -39.67
CA ARG C 18 -14.15 -32.42 -38.86
C ARG C 18 -13.26 -31.41 -39.58
N ALA C 19 -12.44 -31.90 -40.52
CA ALA C 19 -11.52 -31.07 -41.29
C ALA C 19 -12.27 -30.33 -42.38
N ALA C 20 -13.35 -30.95 -42.84
CA ALA C 20 -14.11 -30.42 -43.94
C ALA C 20 -14.99 -29.25 -43.50
N SER C 21 -15.41 -29.26 -42.24
CA SER C 21 -16.28 -28.21 -41.70
C SER C 21 -15.53 -26.91 -41.54
N VAL C 22 -14.32 -26.99 -41.00
CA VAL C 22 -13.44 -25.85 -40.86
C VAL C 22 -13.17 -25.22 -42.22
N ASN C 23 -12.82 -26.05 -43.20
CA ASN C 23 -12.57 -25.62 -44.57
C ASN C 23 -13.77 -24.93 -45.19
N PHE C 24 -14.95 -25.44 -44.87
CA PHE C 24 -16.21 -24.88 -45.33
C PHE C 24 -16.34 -23.44 -44.89
N HIS C 25 -16.10 -23.18 -43.60
CA HIS C 25 -16.18 -21.83 -43.05
C HIS C 25 -14.96 -20.97 -43.39
N LEU C 26 -13.91 -21.58 -43.92
CA LEU C 26 -12.74 -20.86 -44.39
C LEU C 26 -12.87 -20.36 -45.81
N GLU C 27 -13.91 -20.81 -46.51
CA GLU C 27 -14.16 -20.50 -47.92
C GLU C 27 -14.06 -19.03 -48.34
N PRO C 28 -14.65 -18.11 -47.56
CA PRO C 28 -14.54 -16.71 -47.96
C PRO C 28 -13.14 -16.12 -47.85
N LEU C 29 -12.21 -16.86 -47.23
CA LEU C 29 -10.82 -16.44 -47.08
C LEU C 29 -9.88 -17.21 -48.01
N ARG C 30 -10.47 -18.07 -48.84
CA ARG C 30 -9.77 -18.94 -49.77
C ARG C 30 -8.75 -18.22 -50.66
N PRO C 31 -9.14 -17.09 -51.28
CA PRO C 31 -8.20 -16.33 -52.13
C PRO C 31 -6.89 -15.95 -51.44
N TRP C 32 -6.98 -15.46 -50.20
CA TRP C 32 -5.81 -15.00 -49.45
C TRP C 32 -5.03 -16.18 -48.87
N LEU C 33 -5.75 -17.23 -48.53
CA LEU C 33 -5.16 -18.43 -47.94
C LEU C 33 -4.31 -19.22 -48.94
N ASP C 34 -4.66 -19.12 -50.22
CA ASP C 34 -3.97 -19.86 -51.28
C ASP C 34 -2.84 -19.09 -51.95
N ASP C 35 -2.85 -17.77 -51.81
CA ASP C 35 -1.82 -16.92 -52.41
C ASP C 35 -0.52 -17.05 -51.62
N PRO C 36 0.52 -17.60 -52.26
CA PRO C 36 1.83 -17.81 -51.64
C PRO C 36 2.54 -16.54 -51.21
N GLN C 37 2.19 -15.40 -51.82
CA GLN C 37 2.83 -14.14 -51.54
C GLN C 37 2.24 -13.42 -50.32
N ILE C 38 1.14 -13.95 -49.79
CA ILE C 38 0.45 -13.44 -48.61
C ILE C 38 0.87 -14.29 -47.42
N THR C 39 1.25 -13.66 -46.31
CA THR C 39 1.76 -14.44 -45.20
C THR C 39 0.81 -14.45 -44.00
N GLU C 40 0.22 -13.30 -43.69
CA GLU C 40 -0.79 -13.23 -42.64
C GLU C 40 -2.15 -12.86 -43.22
N VAL C 41 -3.20 -13.47 -42.69
CA VAL C 41 -4.57 -13.14 -43.07
C VAL C 41 -5.38 -12.81 -41.81
N CYS C 42 -5.87 -11.58 -41.75
CA CYS C 42 -6.61 -11.11 -40.58
C CYS C 42 -8.05 -10.71 -40.88
N VAL C 43 -8.93 -11.04 -39.95
CA VAL C 43 -10.27 -10.46 -39.95
C VAL C 43 -10.49 -9.79 -38.59
N ASN C 44 -10.68 -8.48 -38.61
CA ASN C 44 -10.88 -7.68 -37.40
C ASN C 44 -12.35 -7.50 -37.07
N ARG C 45 -13.18 -7.47 -38.11
CA ARG C 45 -14.60 -7.23 -37.97
C ARG C 45 -15.32 -7.73 -39.22
N PRO C 46 -16.64 -7.93 -39.12
CA PRO C 46 -17.44 -8.37 -40.26
C PRO C 46 -17.20 -7.50 -41.48
N GLY C 47 -17.02 -8.12 -42.63
CA GLY C 47 -16.98 -7.39 -43.90
C GLY C 47 -15.60 -7.05 -44.45
N GLU C 48 -14.55 -7.29 -43.69
CA GLU C 48 -13.22 -6.95 -44.16
C GLU C 48 -12.15 -7.95 -43.82
N VAL C 49 -11.06 -7.92 -44.60
CA VAL C 49 -9.86 -8.67 -44.29
C VAL C 49 -8.65 -7.76 -44.43
N PHE C 50 -7.65 -8.01 -43.59
CA PHE C 50 -6.35 -7.37 -43.75
C PHE C 50 -5.29 -8.44 -43.94
N CYS C 51 -4.48 -8.30 -44.99
CA CYS C 51 -3.42 -9.27 -45.23
C CYS C 51 -2.04 -8.64 -45.32
N GLU C 52 -1.04 -9.36 -44.81
CA GLU C 52 0.34 -8.91 -44.83
C GLU C 52 1.03 -9.42 -46.10
N ARG C 53 1.37 -8.48 -46.97
CA ARG C 53 2.06 -8.78 -48.22
C ARG C 53 3.56 -8.79 -47.99
N ALA C 54 4.32 -7.74 -48.09
CA ALA C 54 5.75 -7.89 -47.82
C ALA C 54 6.01 -7.07 -46.59
N SER C 55 5.47 -7.52 -45.46
CA SER C 55 5.51 -6.81 -44.19
C SER C 55 4.67 -5.52 -44.23
N ALA C 56 3.77 -5.48 -45.20
CA ALA C 56 2.85 -4.36 -45.37
C ALA C 56 1.41 -4.85 -45.41
N TRP C 57 0.51 -4.12 -44.76
CA TRP C 57 -0.87 -4.54 -44.69
C TRP C 57 -1.71 -4.00 -45.83
N GLU C 58 -2.64 -4.83 -46.31
CA GLU C 58 -3.53 -4.48 -47.39
C GLU C 58 -4.97 -4.71 -46.98
N TYR C 59 -5.85 -3.78 -47.32
CA TYR C 59 -7.26 -3.86 -47.00
C TYR C 59 -8.05 -4.47 -48.16
N TYR C 60 -8.97 -5.37 -47.84
CA TYR C 60 -9.91 -5.92 -48.83
C TYR C 60 -11.31 -6.03 -48.26
N ALA C 61 -12.28 -5.58 -49.04
CA ALA C 61 -13.68 -5.63 -48.63
C ALA C 61 -14.32 -6.96 -49.04
N VAL C 62 -14.84 -7.66 -48.05
CA VAL C 62 -15.48 -8.95 -48.26
C VAL C 62 -16.85 -8.91 -47.59
N PRO C 63 -17.86 -8.38 -48.30
CA PRO C 63 -19.19 -8.28 -47.68
C PRO C 63 -19.84 -9.60 -47.28
N ASN C 64 -19.62 -10.67 -48.06
CA ASN C 64 -20.22 -11.96 -47.75
C ASN C 64 -19.49 -12.70 -46.60
N LEU C 65 -19.02 -11.90 -45.62
CA LEU C 65 -18.29 -12.39 -44.48
C LEU C 65 -18.87 -11.71 -43.22
N ASP C 66 -20.08 -12.10 -42.85
CA ASP C 66 -20.72 -11.44 -41.73
C ASP C 66 -20.31 -12.02 -40.38
N TYR C 67 -20.88 -11.45 -39.31
CA TYR C 67 -20.60 -11.85 -37.94
C TYR C 67 -20.85 -13.35 -37.74
N GLU C 68 -21.99 -13.84 -38.20
CA GLU C 68 -22.42 -15.24 -38.00
C GLU C 68 -21.47 -16.24 -38.65
N HIS C 69 -20.95 -15.89 -39.82
CA HIS C 69 -19.89 -16.65 -40.50
C HIS C 69 -18.71 -16.92 -39.58
N LEU C 70 -18.26 -15.85 -38.92
CA LEU C 70 -17.08 -15.89 -38.05
C LEU C 70 -17.34 -16.64 -36.76
N ILE C 71 -18.56 -16.54 -36.25
CA ILE C 71 -19.01 -17.31 -35.09
C ILE C 71 -18.84 -18.78 -35.40
N SER C 72 -19.43 -19.19 -36.53
CA SER C 72 -19.37 -20.56 -37.03
C SER C 72 -17.95 -21.03 -37.28
N LEU C 73 -17.13 -20.13 -37.81
CA LEU C 73 -15.71 -20.41 -38.05
C LEU C 73 -15.03 -20.77 -36.74
N GLY C 74 -15.28 -19.97 -35.71
CA GLY C 74 -14.72 -20.21 -34.38
C GLY C 74 -15.05 -21.59 -33.84
N THR C 75 -16.34 -21.90 -33.80
CA THR C 75 -16.81 -23.16 -33.24
C THR C 75 -16.23 -24.36 -33.98
N ALA C 76 -16.21 -24.28 -35.31
CA ALA C 76 -15.67 -25.34 -36.15
C ALA C 76 -14.20 -25.60 -35.85
N THR C 77 -13.44 -24.52 -35.66
CA THR C 77 -12.02 -24.64 -35.35
C THR C 77 -11.81 -25.20 -33.95
N ALA C 78 -12.68 -24.80 -33.02
CA ALA C 78 -12.69 -25.30 -31.65
C ALA C 78 -12.86 -26.82 -31.65
N ARG C 79 -13.91 -27.27 -32.33
CA ARG C 79 -14.22 -28.70 -32.49
C ARG C 79 -13.08 -29.51 -33.10
N PHE C 80 -12.32 -28.88 -33.97
CA PHE C 80 -11.23 -29.54 -34.68
C PHE C 80 -10.08 -29.87 -33.74
N VAL C 81 -9.98 -29.09 -32.66
CA VAL C 81 -9.03 -29.32 -31.58
C VAL C 81 -9.76 -29.98 -30.42
N ASP C 82 -11.08 -30.12 -30.54
CA ASP C 82 -11.96 -30.55 -29.44
C ASP C 82 -11.85 -29.58 -28.26
N GLN C 83 -12.34 -28.37 -28.49
CA GLN C 83 -12.40 -27.33 -27.47
C GLN C 83 -13.69 -26.55 -27.65
N ASP C 84 -13.86 -25.51 -26.85
CA ASP C 84 -15.08 -24.70 -26.91
C ASP C 84 -14.77 -23.21 -26.94
N ILE C 85 -15.30 -22.56 -27.96
CA ILE C 85 -15.26 -21.12 -28.03
C ILE C 85 -16.66 -20.60 -27.65
N SER C 86 -16.81 -20.46 -26.35
CA SER C 86 -18.01 -19.96 -25.72
C SER C 86 -17.74 -18.53 -25.30
N ASP C 87 -18.75 -17.91 -24.71
CA ASP C 87 -18.68 -16.56 -24.19
C ASP C 87 -17.95 -16.55 -22.83
N SER C 88 -17.67 -17.75 -22.27
CA SER C 88 -16.89 -17.93 -21.03
C SER C 88 -15.48 -18.48 -21.35
N ARG C 89 -15.26 -18.76 -22.63
CA ARG C 89 -13.94 -19.12 -23.17
C ARG C 89 -13.79 -18.49 -24.57
N PRO C 90 -13.49 -17.18 -24.60
CA PRO C 90 -13.51 -16.41 -25.84
C PRO C 90 -12.18 -16.27 -26.60
N VAL C 91 -11.11 -16.85 -26.08
CA VAL C 91 -9.81 -16.81 -26.76
C VAL C 91 -9.41 -18.23 -27.16
N LEU C 92 -9.14 -18.41 -28.46
CA LEU C 92 -8.84 -19.72 -29.02
C LEU C 92 -7.57 -19.71 -29.86
N SER C 93 -6.69 -20.67 -29.59
CA SER C 93 -5.52 -20.92 -30.43
C SER C 93 -5.61 -22.30 -31.04
N ALA C 94 -5.31 -22.39 -32.33
CA ALA C 94 -5.40 -23.66 -33.06
C ALA C 94 -4.43 -23.74 -34.23
N ILE C 95 -4.15 -24.97 -34.64
CA ILE C 95 -3.35 -25.26 -35.82
C ILE C 95 -4.27 -25.90 -36.85
N LEU C 96 -4.49 -25.22 -37.96
CA LEU C 96 -5.42 -25.68 -39.00
C LEU C 96 -4.84 -26.82 -39.86
N PRO C 97 -5.72 -27.52 -40.61
CA PRO C 97 -5.36 -28.70 -41.43
C PRO C 97 -4.17 -28.53 -42.37
N MET C 98 -4.05 -27.35 -42.98
CA MET C 98 -2.95 -27.06 -43.89
C MET C 98 -1.72 -26.48 -43.17
N GLY C 99 -1.77 -26.42 -41.84
CA GLY C 99 -0.63 -26.02 -41.03
C GLY C 99 -0.66 -24.62 -40.48
N GLU C 100 -1.67 -23.85 -40.91
CA GLU C 100 -1.83 -22.45 -40.50
C GLU C 100 -2.09 -22.34 -38.99
N ARG C 101 -1.43 -21.40 -38.31
CA ARG C 101 -1.79 -21.09 -36.93
C ARG C 101 -2.90 -20.04 -36.94
N ILE C 102 -3.93 -20.28 -36.14
CA ILE C 102 -5.07 -19.38 -36.09
C ILE C 102 -5.39 -18.95 -34.66
N GLN C 103 -5.48 -17.65 -34.46
CA GLN C 103 -5.96 -17.11 -33.20
C GLN C 103 -7.30 -16.43 -33.38
N ILE C 104 -8.24 -16.83 -32.55
CA ILE C 104 -9.58 -16.29 -32.58
C ILE C 104 -9.99 -15.73 -31.22
N VAL C 105 -10.42 -14.46 -31.24
CA VAL C 105 -10.99 -13.82 -30.07
C VAL C 105 -12.43 -13.45 -30.37
N ARG C 106 -13.35 -13.82 -29.48
CA ARG C 106 -14.76 -13.49 -29.65
C ARG C 106 -15.30 -12.50 -28.58
N PRO C 107 -16.44 -11.83 -28.87
CA PRO C 107 -17.15 -10.69 -28.28
C PRO C 107 -17.18 -10.29 -26.80
N PRO C 108 -17.05 -11.22 -25.83
CA PRO C 108 -16.77 -10.49 -24.58
C PRO C 108 -15.34 -9.94 -24.58
N ALA C 109 -14.38 -10.73 -25.05
CA ALA C 109 -12.98 -10.33 -25.01
C ALA C 109 -12.54 -9.38 -26.13
N CYS C 110 -13.36 -9.25 -27.16
CA CYS C 110 -13.12 -8.24 -28.22
C CYS C 110 -14.37 -7.39 -28.41
N GLU C 111 -14.23 -6.29 -29.16
CA GLU C 111 -15.32 -5.37 -29.47
C GLU C 111 -16.59 -6.11 -29.86
N HIS C 112 -17.72 -5.72 -29.27
CA HIS C 112 -19.00 -6.36 -29.54
C HIS C 112 -19.41 -6.22 -31.00
N GLY C 113 -20.03 -7.28 -31.53
CA GLY C 113 -20.40 -7.34 -32.93
C GLY C 113 -19.21 -7.55 -33.84
N THR C 114 -18.05 -7.89 -33.25
CA THR C 114 -16.84 -8.23 -34.01
C THR C 114 -16.25 -9.56 -33.54
N ILE C 115 -15.55 -10.23 -34.44
CA ILE C 115 -14.69 -11.36 -34.11
C ILE C 115 -13.31 -11.05 -34.66
N SER C 116 -12.27 -11.36 -33.90
CA SER C 116 -10.91 -11.20 -34.41
C SER C 116 -10.28 -12.53 -34.80
N VAL C 117 -9.86 -12.61 -36.06
CA VAL C 117 -9.20 -13.79 -36.60
C VAL C 117 -7.81 -13.41 -37.07
N THR C 118 -6.81 -14.19 -36.68
CA THR C 118 -5.48 -14.03 -37.24
C THR C 118 -4.92 -15.37 -37.67
N ILE C 119 -4.62 -15.46 -38.96
CA ILE C 119 -4.11 -16.69 -39.53
C ILE C 119 -2.66 -16.51 -39.95
N ARG C 120 -1.79 -17.22 -39.26
CA ARG C 120 -0.38 -17.25 -39.59
C ARG C 120 -0.16 -18.36 -40.61
N LYS C 121 0.63 -18.07 -41.62
CA LYS C 121 0.92 -19.09 -42.62
C LYS C 121 2.35 -19.63 -42.54
N PRO C 122 2.48 -20.96 -42.75
CA PRO C 122 3.75 -21.68 -42.84
C PRO C 122 4.56 -21.37 -44.12
N SER C 123 5.85 -21.61 -44.03
CA SER C 123 6.91 -21.39 -45.02
C SER C 123 6.71 -21.85 -46.46
N PHE C 124 7.11 -23.13 -46.63
CA PHE C 124 7.13 -23.92 -47.86
C PHE C 124 8.25 -23.56 -48.83
N THR C 125 8.98 -22.49 -48.50
CA THR C 125 10.01 -21.94 -49.41
C THR C 125 11.42 -21.79 -48.83
N ARG C 126 11.54 -21.58 -47.51
CA ARG C 126 12.87 -21.39 -46.89
C ARG C 126 13.34 -22.68 -46.21
N ARG C 127 13.83 -23.63 -46.99
CA ARG C 127 14.20 -24.92 -46.43
C ARG C 127 15.70 -25.08 -46.15
N THR C 128 16.53 -24.56 -47.05
CA THR C 128 17.98 -24.63 -46.88
C THR C 128 18.54 -23.25 -46.61
N LEU C 129 19.77 -23.19 -46.14
CA LEU C 129 20.47 -21.92 -45.96
C LEU C 129 20.64 -21.15 -47.28
N GLU C 130 20.78 -21.90 -48.37
CA GLU C 130 20.87 -21.31 -49.72
C GLU C 130 19.62 -20.50 -50.08
N ASP C 131 18.45 -21.00 -49.70
CA ASP C 131 17.18 -20.29 -49.89
C ASP C 131 17.19 -18.92 -49.21
N TYR C 132 17.59 -18.88 -47.93
CA TYR C 132 17.62 -17.64 -47.15
C TYR C 132 18.46 -16.56 -47.81
N ALA C 133 19.63 -16.94 -48.31
CA ALA C 133 20.53 -16.03 -48.99
C ALA C 133 19.94 -15.47 -50.29
N GLN C 134 19.14 -16.29 -50.98
CA GLN C 134 18.54 -15.89 -52.25
C GLN C 134 17.56 -14.74 -52.07
N GLN C 135 16.70 -14.85 -51.06
CA GLN C 135 15.74 -13.78 -50.75
C GLN C 135 16.31 -12.69 -49.83
N GLY C 136 17.65 -12.60 -49.82
CA GLY C 136 18.38 -11.55 -49.12
C GLY C 136 18.27 -11.46 -47.60
N PHE C 137 18.16 -12.60 -46.93
CA PHE C 137 18.08 -12.62 -45.46
C PHE C 137 19.41 -12.22 -44.79
N PHE C 138 20.51 -12.39 -45.50
CA PHE C 138 21.84 -12.11 -44.98
C PHE C 138 22.42 -10.77 -45.43
N LYS C 139 21.57 -9.90 -45.97
CA LYS C 139 22.04 -8.66 -46.58
C LYS C 139 22.32 -7.51 -45.61
N HIS C 140 21.49 -7.40 -44.57
CA HIS C 140 21.59 -6.27 -43.64
C HIS C 140 21.92 -6.73 -42.22
N VAL C 141 22.76 -7.75 -42.13
CA VAL C 141 23.29 -8.21 -40.85
C VAL C 141 24.41 -7.26 -40.44
N ARG C 142 24.47 -6.12 -41.14
CA ARG C 142 25.52 -5.12 -40.98
C ARG C 142 25.68 -4.60 -39.54
N PRO C 143 24.56 -4.32 -38.81
CA PRO C 143 24.74 -3.95 -37.41
C PRO C 143 25.38 -5.12 -36.66
N MET C 144 26.57 -4.86 -36.14
CA MET C 144 27.27 -5.80 -35.25
C MET C 144 27.08 -5.35 -33.76
N SER C 145 25.90 -4.72 -33.50
CA SER C 145 25.37 -4.09 -32.25
C SER C 145 26.31 -3.11 -31.56
N LYS C 146 26.13 -1.87 -32.03
CA LYS C 146 26.89 -0.71 -31.64
C LYS C 146 26.79 -0.41 -30.16
N SER C 147 27.97 -0.31 -29.61
CA SER C 147 28.11 0.03 -28.19
C SER C 147 27.69 1.46 -27.91
N LEU C 148 27.56 2.25 -28.97
CA LEU C 148 27.13 3.65 -28.87
C LEU C 148 25.65 3.83 -29.20
N THR C 149 25.23 5.09 -29.26
CA THR C 149 23.85 5.47 -29.53
C THR C 149 23.68 5.86 -31.01
N PRO C 150 22.78 5.17 -31.71
CA PRO C 150 22.60 5.35 -33.15
C PRO C 150 22.21 6.80 -33.51
N PHE C 151 20.92 7.07 -33.34
CA PHE C 151 20.21 8.33 -33.53
C PHE C 151 18.93 8.23 -32.69
N GLU C 152 19.31 7.97 -31.44
CA GLU C 152 18.60 8.10 -30.21
C GLU C 152 19.22 9.43 -29.76
N GLN C 153 20.34 9.77 -30.40
CA GLN C 153 21.01 11.05 -30.22
C GLN C 153 20.15 12.19 -30.77
N GLU C 154 19.34 11.89 -31.79
CA GLU C 154 18.35 12.85 -32.28
C GLU C 154 17.31 13.12 -31.20
N LEU C 155 16.78 12.06 -30.60
CA LEU C 155 15.83 12.17 -29.49
C LEU C 155 16.43 12.89 -28.30
N LEU C 156 17.67 12.54 -27.97
CA LEU C 156 18.37 13.11 -26.83
C LEU C 156 18.62 14.59 -27.02
N ALA C 157 18.90 15.01 -28.25
CA ALA C 157 19.08 16.43 -28.57
C ALA C 157 17.78 17.22 -28.43
N LEU C 158 16.68 16.65 -28.93
CA LEU C 158 15.36 17.27 -28.82
C LEU C 158 14.95 17.50 -27.37
N LYS C 159 15.22 16.51 -26.52
CA LYS C 159 14.98 16.62 -25.08
C LYS C 159 15.85 17.73 -24.48
N GLU C 160 17.13 17.75 -24.86
CA GLU C 160 18.04 18.75 -24.30
C GLU C 160 17.84 20.14 -24.90
N ALA C 161 17.28 20.22 -26.10
CA ALA C 161 16.87 21.49 -26.68
C ALA C 161 15.56 22.00 -26.05
N GLY C 162 14.89 21.12 -25.31
CA GLY C 162 13.66 21.47 -24.64
C GLY C 162 12.41 21.40 -25.51
N ASP C 163 12.53 20.86 -26.72
CA ASP C 163 11.38 20.75 -27.59
C ASP C 163 10.70 19.40 -27.36
N TYR C 164 9.86 19.38 -26.34
CA TYR C 164 9.24 18.15 -25.87
C TYR C 164 8.13 17.64 -26.78
N MET C 165 7.46 18.55 -27.47
CA MET C 165 6.43 18.17 -28.44
C MET C 165 7.03 17.34 -29.59
N SER C 166 8.08 17.86 -30.21
CA SER C 166 8.82 17.13 -31.25
C SER C 166 9.39 15.83 -30.72
N PHE C 167 9.89 15.87 -29.49
CA PHE C 167 10.46 14.71 -28.83
C PHE C 167 9.44 13.56 -28.76
N LEU C 168 8.24 13.89 -28.32
CA LEU C 168 7.19 12.90 -28.15
C LEU C 168 6.71 12.34 -29.48
N ARG C 169 6.54 13.23 -30.47
CA ARG C 169 6.20 12.80 -31.83
C ARG C 169 7.27 11.86 -32.41
N ARG C 170 8.53 12.25 -32.30
CA ARG C 170 9.62 11.43 -32.79
C ARG C 170 9.71 10.10 -32.08
N ALA C 171 9.55 10.11 -30.75
CA ALA C 171 9.59 8.89 -29.95
C ALA C 171 8.58 7.84 -30.40
N VAL C 172 7.37 8.30 -30.73
CA VAL C 172 6.31 7.42 -31.26
C VAL C 172 6.68 6.91 -32.66
N GLN C 173 7.24 7.79 -33.48
CA GLN C 173 7.62 7.46 -34.85
C GLN C 173 8.78 6.49 -34.86
N LEU C 174 9.67 6.68 -33.88
CA LEU C 174 10.83 5.82 -33.67
C LEU C 174 10.53 4.62 -32.80
N GLU C 175 9.24 4.38 -32.54
CA GLU C 175 8.75 3.18 -31.87
C GLU C 175 9.33 2.94 -30.48
N ARG C 176 9.62 4.02 -29.76
CA ARG C 176 10.03 3.93 -28.37
C ARG C 176 8.88 3.45 -27.51
N VAL C 177 9.18 2.66 -26.49
CA VAL C 177 8.18 2.25 -25.51
C VAL C 177 7.93 3.42 -24.57
N ILE C 178 6.68 3.86 -24.51
CA ILE C 178 6.32 5.07 -23.78
C ILE C 178 5.29 4.76 -22.69
N VAL C 179 5.63 5.17 -21.47
CA VAL C 179 4.70 5.08 -20.35
C VAL C 179 4.21 6.48 -19.97
N VAL C 180 2.91 6.71 -20.06
CA VAL C 180 2.32 7.97 -19.63
C VAL C 180 1.99 7.89 -18.14
N ALA C 181 2.65 8.73 -17.34
CA ALA C 181 2.46 8.69 -15.91
C ALA C 181 1.75 9.92 -15.37
N GLY C 182 1.16 9.78 -14.20
CA GLY C 182 0.47 10.89 -13.56
C GLY C 182 -0.44 10.42 -12.45
N GLU C 183 -0.92 11.33 -11.62
CA GLU C 183 -1.94 10.92 -10.65
C GLU C 183 -3.26 10.69 -11.35
N THR C 184 -4.20 10.07 -10.67
CA THR C 184 -5.51 9.81 -11.27
C THR C 184 -6.22 11.12 -11.58
N GLY C 185 -6.81 11.16 -12.77
CA GLY C 185 -7.53 12.32 -13.24
C GLY C 185 -6.61 13.41 -13.75
N SER C 186 -5.38 13.05 -14.11
CA SER C 186 -4.42 14.03 -14.57
C SER C 186 -4.44 14.16 -16.09
N GLY C 187 -5.20 13.31 -16.75
CA GLY C 187 -5.34 13.35 -18.21
C GLY C 187 -4.40 12.42 -18.96
N LYS C 188 -3.98 11.34 -18.31
CA LYS C 188 -3.05 10.37 -18.88
C LYS C 188 -3.60 9.77 -20.16
N THR C 189 -4.83 9.29 -20.08
CA THR C 189 -5.53 8.68 -21.21
C THR C 189 -5.62 9.62 -22.41
N THR C 190 -5.90 10.89 -22.16
CA THR C 190 -5.99 11.87 -23.24
C THR C 190 -4.65 12.05 -23.93
N LEU C 191 -3.57 12.18 -23.15
CA LEU C 191 -2.23 12.28 -23.72
C LEU C 191 -1.87 11.01 -24.50
N MET C 192 -2.20 9.86 -23.92
CA MET C 192 -1.97 8.58 -24.55
C MET C 192 -2.65 8.54 -25.93
N LYS C 193 -3.89 9.05 -25.99
CA LYS C 193 -4.62 9.15 -27.25
C LYS C 193 -3.99 10.14 -28.23
N ALA C 194 -3.46 11.24 -27.69
CA ALA C 194 -2.73 12.21 -28.52
C ALA C 194 -1.51 11.55 -29.14
N LEU C 195 -0.79 10.77 -28.34
CA LEU C 195 0.41 10.07 -28.80
C LEU C 195 0.12 8.99 -29.83
N MET C 196 -1.05 8.36 -29.70
CA MET C 196 -1.48 7.31 -30.62
C MET C 196 -1.78 7.87 -32.01
N GLN C 197 -2.17 9.14 -32.08
CA GLN C 197 -2.42 9.78 -33.36
C GLN C 197 -1.14 9.98 -34.16
N GLU C 198 0.00 9.83 -33.49
CA GLU C 198 1.31 9.95 -34.13
C GLU C 198 1.80 8.64 -34.74
N ILE C 199 1.11 7.55 -34.43
CA ILE C 199 1.39 6.25 -35.04
C ILE C 199 0.89 6.29 -36.50
N PRO C 200 1.74 5.87 -37.45
CA PRO C 200 1.36 5.81 -38.87
C PRO C 200 0.09 4.99 -39.06
N PHE C 201 -0.82 5.52 -39.87
CA PHE C 201 -2.17 4.99 -40.00
C PHE C 201 -2.25 3.60 -40.65
N ASP C 202 -1.14 3.14 -41.20
CA ASP C 202 -1.10 1.85 -41.90
C ASP C 202 -0.57 0.71 -41.04
N GLN C 203 -0.30 1.01 -39.77
CA GLN C 203 0.19 0.01 -38.83
C GLN C 203 -0.95 -0.68 -38.11
N ARG C 204 -0.76 -1.96 -37.82
CA ARG C 204 -1.79 -2.74 -37.14
C ARG C 204 -1.71 -2.54 -35.63
N LEU C 205 -2.83 -2.12 -35.03
CA LEU C 205 -2.87 -1.82 -33.59
C LEU C 205 -3.86 -2.70 -32.84
N ILE C 206 -3.48 -3.08 -31.63
CA ILE C 206 -4.35 -3.83 -30.74
C ILE C 206 -4.40 -3.12 -29.38
N THR C 207 -5.59 -2.73 -28.95
CA THR C 207 -5.78 -2.09 -27.66
C THR C 207 -6.25 -3.11 -26.66
N ILE C 208 -5.80 -2.97 -25.42
CA ILE C 208 -6.24 -3.83 -24.32
C ILE C 208 -6.77 -2.93 -23.21
N GLU C 209 -8.07 -3.01 -22.96
CA GLU C 209 -8.68 -2.15 -21.98
C GLU C 209 -9.83 -2.79 -21.22
N ASP C 210 -10.26 -2.11 -20.16
CA ASP C 210 -11.38 -2.48 -19.32
C ASP C 210 -12.59 -1.66 -19.72
N VAL C 211 -12.29 -0.48 -20.24
CA VAL C 211 -13.26 0.53 -20.55
C VAL C 211 -12.97 1.03 -21.96
N PRO C 212 -13.99 1.07 -22.83
CA PRO C 212 -13.74 1.55 -24.19
C PRO C 212 -13.42 3.05 -24.19
N GLU C 213 -12.16 3.37 -24.45
CA GLU C 213 -11.69 4.76 -24.44
C GLU C 213 -10.70 5.04 -25.56
N LEU C 214 -9.89 4.04 -25.90
CA LEU C 214 -8.84 4.19 -26.88
C LEU C 214 -9.34 3.90 -28.30
N PHE C 215 -10.28 4.72 -28.76
CA PHE C 215 -10.85 4.60 -30.11
C PHE C 215 -9.81 4.97 -31.15
N LEU C 216 -9.89 4.34 -32.33
CA LEU C 216 -8.92 4.55 -33.39
C LEU C 216 -9.59 4.85 -34.74
N PRO C 217 -10.10 6.08 -34.92
CA PRO C 217 -10.84 6.43 -36.12
C PRO C 217 -9.96 6.42 -37.39
N ASP C 218 -8.67 6.65 -37.21
CA ASP C 218 -7.72 6.81 -38.31
C ASP C 218 -6.84 5.59 -38.51
N HIS C 219 -7.08 4.53 -37.75
CA HIS C 219 -6.31 3.30 -37.89
C HIS C 219 -7.22 2.13 -38.25
N PRO C 220 -7.55 1.95 -39.55
CA PRO C 220 -8.53 0.94 -39.98
C PRO C 220 -8.19 -0.48 -39.54
N ASN C 221 -6.90 -0.81 -39.50
CA ASN C 221 -6.45 -2.13 -39.11
C ASN C 221 -6.20 -2.20 -37.60
N HIS C 222 -7.26 -2.43 -36.83
CA HIS C 222 -7.13 -2.54 -35.38
C HIS C 222 -8.09 -3.55 -34.77
N VAL C 223 -7.77 -3.97 -33.55
CA VAL C 223 -8.64 -4.84 -32.76
C VAL C 223 -8.70 -4.30 -31.33
N HIS C 224 -9.90 -4.08 -30.83
CA HIS C 224 -10.09 -3.70 -29.42
C HIS C 224 -10.35 -4.94 -28.59
N LEU C 225 -9.44 -5.24 -27.66
CA LEU C 225 -9.63 -6.34 -26.73
C LEU C 225 -10.06 -5.82 -25.35
N PHE C 226 -10.86 -6.62 -24.66
CA PHE C 226 -11.46 -6.21 -23.38
C PHE C 226 -11.38 -7.29 -22.30
N TYR C 227 -11.08 -6.86 -21.08
CA TYR C 227 -11.10 -7.75 -19.92
C TYR C 227 -12.13 -7.23 -18.90
N PRO C 228 -12.87 -8.13 -18.25
CA PRO C 228 -14.01 -7.72 -17.41
C PRO C 228 -13.60 -7.10 -16.07
N PRO C 238 -10.26 -17.41 -16.75
CA PRO C 238 -10.72 -16.02 -16.75
C PRO C 238 -9.88 -15.13 -17.64
N VAL C 239 -10.52 -14.15 -18.27
CA VAL C 239 -9.86 -13.22 -19.17
C VAL C 239 -9.33 -12.04 -18.35
N THR C 240 -8.04 -11.77 -18.47
CA THR C 240 -7.39 -10.64 -17.81
C THR C 240 -6.59 -9.83 -18.82
N ALA C 241 -6.04 -8.72 -18.36
CA ALA C 241 -5.13 -7.92 -19.18
C ALA C 241 -3.92 -8.77 -19.57
N ALA C 242 -3.51 -9.68 -18.69
CA ALA C 242 -2.35 -10.52 -18.92
C ALA C 242 -2.60 -11.56 -20.03
N THR C 243 -3.74 -12.24 -19.97
CA THR C 243 -4.09 -13.22 -20.99
C THR C 243 -4.25 -12.57 -22.37
N LEU C 244 -4.79 -11.36 -22.39
CA LEU C 244 -4.91 -10.60 -23.62
C LEU C 244 -3.55 -10.21 -24.19
N LEU C 245 -2.61 -9.84 -23.31
CA LEU C 245 -1.25 -9.54 -23.76
C LEU C 245 -0.62 -10.76 -24.41
N ARG C 246 -0.82 -11.93 -23.83
CA ARG C 246 -0.29 -13.17 -24.41
C ARG C 246 -0.97 -13.52 -25.73
N SER C 247 -2.26 -13.22 -25.80
CA SER C 247 -3.02 -13.40 -27.03
C SER C 247 -2.44 -12.57 -28.18
N CYS C 248 -2.04 -11.33 -27.87
CA CYS C 248 -1.44 -10.43 -28.85
C CYS C 248 -0.22 -10.99 -29.56
N LEU C 249 0.55 -11.81 -28.85
CA LEU C 249 1.74 -12.44 -29.44
C LEU C 249 1.39 -13.29 -30.67
N ARG C 250 0.16 -13.78 -30.71
CA ARG C 250 -0.32 -14.62 -31.81
C ARG C 250 -1.23 -13.90 -32.80
N MET C 251 -1.44 -12.61 -32.61
CA MET C 251 -2.11 -11.79 -33.62
C MET C 251 -0.93 -11.15 -34.30
N LYS C 252 -0.98 -10.23 -35.20
CA LYS C 252 0.32 -9.84 -35.74
C LYS C 252 0.37 -8.35 -35.63
N PRO C 253 0.39 -7.82 -34.39
CA PRO C 253 0.24 -6.39 -34.28
C PRO C 253 1.54 -5.69 -34.59
N THR C 254 1.47 -4.44 -35.00
CA THR C 254 2.65 -3.62 -35.10
C THR C 254 2.95 -3.07 -33.70
N ARG C 255 1.93 -2.52 -33.02
CA ARG C 255 2.08 -2.16 -31.62
C ARG C 255 0.89 -2.60 -30.77
N ILE C 256 1.18 -2.81 -29.47
CA ILE C 256 0.19 -3.18 -28.49
C ILE C 256 -0.04 -2.00 -27.56
N LEU C 257 -1.30 -1.63 -27.39
CA LEU C 257 -1.67 -0.46 -26.62
C LEU C 257 -2.51 -0.89 -25.42
N LEU C 258 -1.81 -1.19 -24.34
CA LEU C 258 -2.44 -1.50 -23.06
C LEU C 258 -2.81 -0.19 -22.37
N ALA C 259 -4.09 0.01 -22.12
CA ALA C 259 -4.56 1.25 -21.50
C ALA C 259 -3.78 1.58 -20.23
N GLU C 260 -3.61 0.59 -19.35
CA GLU C 260 -3.08 0.85 -18.02
C GLU C 260 -2.39 -0.37 -17.41
N LEU C 261 -1.22 -0.13 -16.82
CA LEU C 261 -0.52 -1.14 -16.03
C LEU C 261 -0.89 -1.01 -14.56
N ARG C 262 -1.35 -2.09 -13.95
CA ARG C 262 -1.94 -2.01 -12.61
C ARG C 262 -1.46 -3.07 -11.64
N GLY C 263 -1.12 -4.25 -12.15
CA GLY C 263 -0.68 -5.35 -11.32
C GLY C 263 0.23 -6.30 -12.08
N GLY C 264 0.01 -7.59 -11.85
CA GLY C 264 0.80 -8.66 -12.45
C GLY C 264 1.07 -8.62 -13.95
N GLU C 265 0.20 -7.94 -14.73
CA GLU C 265 0.42 -7.81 -16.18
C GLU C 265 1.75 -7.16 -16.49
N ALA C 266 2.24 -6.32 -15.57
CA ALA C 266 3.50 -5.61 -15.77
C ALA C 266 4.61 -6.54 -16.21
N TYR C 267 4.61 -7.75 -15.67
CA TYR C 267 5.62 -8.76 -16.00
C TYR C 267 5.42 -9.31 -17.41
N ASP C 268 4.18 -9.56 -17.79
CA ASP C 268 3.87 -9.98 -19.15
C ASP C 268 4.20 -8.87 -20.12
N PHE C 269 3.94 -7.62 -19.74
CA PHE C 269 4.27 -6.45 -20.55
C PHE C 269 5.75 -6.44 -20.84
N ILE C 270 6.56 -6.58 -19.81
CA ILE C 270 8.02 -6.64 -19.92
C ILE C 270 8.43 -7.73 -20.88
N ASN C 271 7.78 -8.88 -20.79
CA ASN C 271 8.15 -9.98 -21.67
C ASN C 271 7.67 -9.84 -23.08
N VAL C 272 6.54 -9.17 -23.27
CA VAL C 272 6.06 -8.89 -24.61
C VAL C 272 7.05 -7.93 -25.28
N ALA C 273 7.43 -6.88 -24.55
CA ALA C 273 8.33 -5.84 -25.07
C ALA C 273 9.74 -6.36 -25.30
N ALA C 274 10.23 -7.18 -24.38
CA ALA C 274 11.54 -7.78 -24.55
C ALA C 274 11.58 -8.82 -25.68
N SER C 275 10.41 -9.26 -26.13
CA SER C 275 10.32 -10.24 -27.24
C SER C 275 10.32 -9.59 -28.61
N GLY C 276 10.29 -8.27 -28.63
CA GLY C 276 10.45 -7.51 -29.85
C GLY C 276 9.17 -6.89 -30.34
N HIS C 277 8.32 -6.44 -29.42
CA HIS C 277 7.14 -5.68 -29.83
C HIS C 277 7.35 -4.23 -29.46
N GLY C 278 7.97 -3.48 -30.35
CA GLY C 278 8.30 -2.09 -30.10
C GLY C 278 7.12 -1.14 -30.23
N GLY C 279 7.30 0.11 -29.81
CA GLY C 279 6.32 1.15 -30.02
C GLY C 279 5.08 1.13 -29.16
N SER C 280 5.13 0.35 -28.08
CA SER C 280 4.03 0.31 -27.11
C SER C 280 3.87 1.63 -26.37
N ILE C 281 2.62 1.98 -26.10
CA ILE C 281 2.28 3.13 -25.28
C ILE C 281 1.33 2.59 -24.22
N THR C 282 1.60 2.93 -22.97
CA THR C 282 0.73 2.54 -21.86
C THR C 282 0.68 3.66 -20.81
N SER C 283 -0.07 3.46 -19.74
CA SER C 283 -0.10 4.43 -18.66
C SER C 283 0.07 3.78 -17.29
N CYS C 284 0.32 4.60 -16.28
CA CYS C 284 0.52 4.13 -14.92
C CYS C 284 0.29 5.29 -13.96
N HIS C 285 -0.54 5.08 -12.95
CA HIS C 285 -0.69 6.04 -11.85
C HIS C 285 0.62 6.12 -11.08
N ALA C 286 1.23 7.31 -11.05
CA ALA C 286 2.46 7.54 -10.30
C ALA C 286 2.65 9.03 -10.03
N GLY C 287 3.34 9.35 -8.95
CA GLY C 287 3.55 10.74 -8.53
C GLY C 287 4.76 11.40 -9.15
N SER C 288 5.51 10.65 -9.96
CA SER C 288 6.67 11.19 -10.68
C SER C 288 7.21 10.10 -11.60
N CYS C 289 8.23 10.45 -12.38
CA CYS C 289 8.86 9.49 -13.27
C CYS C 289 9.52 8.40 -12.45
N GLU C 290 10.19 8.78 -11.36
CA GLU C 290 10.93 7.81 -10.58
C GLU C 290 9.98 6.88 -9.83
N LEU C 291 8.85 7.45 -9.44
CA LEU C 291 7.80 6.69 -8.78
C LEU C 291 7.06 5.75 -9.75
N THR C 292 7.12 6.05 -11.04
CA THR C 292 6.61 5.14 -12.07
C THR C 292 7.37 3.81 -12.03
N PHE C 293 8.69 3.87 -12.21
CA PHE C 293 9.52 2.66 -12.17
C PHE C 293 9.37 1.96 -10.83
N GLU C 294 9.24 2.77 -9.78
CA GLU C 294 9.03 2.28 -8.43
C GLU C 294 7.74 1.46 -8.33
N ARG C 295 6.65 2.01 -8.86
CA ARG C 295 5.36 1.34 -8.86
C ARG C 295 5.26 0.16 -9.83
N LEU C 296 5.94 0.26 -10.98
CA LEU C 296 5.96 -0.83 -11.97
C LEU C 296 6.64 -2.07 -11.40
N ALA C 297 7.68 -1.83 -10.61
CA ALA C 297 8.42 -2.90 -9.94
C ALA C 297 7.55 -3.64 -8.93
N LEU C 298 6.72 -2.90 -8.19
CA LEU C 298 5.78 -3.50 -7.25
C LEU C 298 4.72 -4.33 -7.96
N MET C 299 4.32 -3.90 -9.15
CA MET C 299 3.36 -4.63 -9.95
C MET C 299 3.95 -5.96 -10.44
N VAL C 300 5.21 -5.93 -10.84
CA VAL C 300 5.93 -7.13 -11.26
C VAL C 300 5.94 -8.20 -10.15
N LEU C 301 6.12 -7.73 -8.92
CA LEU C 301 6.13 -8.63 -7.77
C LEU C 301 4.78 -9.28 -7.47
N GLN C 302 3.73 -8.82 -8.15
CA GLN C 302 2.39 -9.42 -8.04
C GLN C 302 2.26 -10.66 -8.93
N ASN C 303 3.22 -10.83 -9.83
CA ASN C 303 3.26 -11.97 -10.75
C ASN C 303 3.94 -13.14 -10.07
N ARG C 304 3.43 -14.36 -10.32
CA ARG C 304 4.05 -15.58 -9.80
C ARG C 304 5.51 -15.71 -10.24
N GLN C 305 5.78 -15.44 -11.50
CA GLN C 305 7.16 -15.45 -12.01
C GLN C 305 7.91 -14.18 -11.70
N GLY C 306 7.22 -13.05 -11.69
CA GLY C 306 7.83 -11.78 -11.27
C GLY C 306 8.44 -11.87 -9.88
N ARG C 307 7.77 -12.58 -8.98
CA ARG C 307 8.25 -12.79 -7.61
C ARG C 307 9.61 -13.49 -7.53
N GLN C 308 9.95 -14.28 -8.54
CA GLN C 308 11.21 -15.03 -8.54
C GLN C 308 12.41 -14.15 -8.86
N LEU C 309 12.15 -12.99 -9.46
CA LEU C 309 13.21 -12.09 -9.85
C LEU C 309 13.68 -11.26 -8.68
N PRO C 310 15.00 -11.16 -8.49
CA PRO C 310 15.51 -10.21 -7.52
C PRO C 310 15.12 -8.81 -7.94
N TYR C 311 14.92 -7.94 -6.94
CA TYR C 311 14.44 -6.59 -7.15
C TYR C 311 15.31 -5.83 -8.17
N GLU C 312 16.63 -5.92 -7.99
CA GLU C 312 17.58 -5.30 -8.91
C GLU C 312 17.42 -5.74 -10.37
N ILE C 313 16.96 -6.97 -10.59
CA ILE C 313 16.74 -7.50 -11.94
C ILE C 313 15.43 -6.98 -12.54
N ILE C 314 14.40 -6.84 -11.70
CA ILE C 314 13.14 -6.23 -12.09
C ILE C 314 13.40 -4.80 -12.58
N ARG C 315 14.15 -4.05 -11.78
CA ARG C 315 14.51 -2.68 -12.10
C ARG C 315 15.36 -2.58 -13.36
N ARG C 316 16.19 -3.58 -13.59
CA ARG C 316 16.97 -3.63 -14.81
C ARG C 316 16.09 -3.95 -16.04
N LEU C 317 15.14 -4.85 -15.87
CA LEU C 317 14.21 -5.19 -16.94
C LEU C 317 13.38 -3.98 -17.37
N LEU C 318 12.91 -3.21 -16.39
CA LEU C 318 12.17 -1.99 -16.66
C LEU C 318 12.97 -1.00 -17.50
N TYR C 319 14.25 -0.84 -17.16
CA TYR C 319 15.12 0.07 -17.89
C TYR C 319 15.48 -0.39 -19.30
N LEU C 320 15.53 -1.71 -19.50
CA LEU C 320 15.81 -2.27 -20.82
C LEU C 320 14.62 -2.16 -21.75
N VAL C 321 13.43 -2.11 -21.16
CA VAL C 321 12.18 -2.21 -21.88
C VAL C 321 11.48 -0.85 -22.04
N VAL C 322 11.57 -0.01 -21.02
CA VAL C 322 10.86 1.27 -21.02
C VAL C 322 11.78 2.40 -21.45
N ASP C 323 11.46 3.01 -22.59
CA ASP C 323 12.32 4.04 -23.17
C ASP C 323 12.01 5.41 -22.61
N VAL C 324 10.73 5.77 -22.56
CA VAL C 324 10.31 7.10 -22.15
C VAL C 324 9.21 7.02 -21.11
N VAL C 325 9.30 7.87 -20.09
CA VAL C 325 8.22 8.07 -19.13
C VAL C 325 7.82 9.54 -19.16
N VAL C 326 6.57 9.82 -19.52
CA VAL C 326 6.05 11.18 -19.51
C VAL C 326 5.14 11.36 -18.32
N HIS C 327 5.47 12.29 -17.42
CA HIS C 327 4.65 12.51 -16.24
C HIS C 327 3.77 13.73 -16.39
N VAL C 328 2.47 13.55 -16.18
CA VAL C 328 1.50 14.64 -16.23
C VAL C 328 1.10 15.08 -14.83
N HIS C 329 1.02 16.40 -14.62
CA HIS C 329 0.52 16.95 -13.37
C HIS C 329 -0.63 17.92 -13.59
N ASN C 330 -1.63 17.85 -12.71
CA ASN C 330 -2.70 18.84 -12.74
C ASN C 330 -2.23 20.08 -12.01
N GLY C 331 -1.92 21.18 -12.67
CA GLY C 331 -1.54 22.35 -11.88
C GLY C 331 -2.76 23.04 -11.33
N VAL C 332 -3.47 22.48 -10.30
CA VAL C 332 -4.57 23.27 -9.71
C VAL C 332 -4.06 23.91 -8.43
N HIS C 333 -3.12 23.23 -7.79
CA HIS C 333 -2.45 23.70 -6.59
C HIS C 333 -1.78 25.06 -6.77
N ASP C 334 -0.83 25.14 -7.75
CA ASP C 334 -0.08 26.37 -7.99
C ASP C 334 -0.81 27.25 -9.00
N GLY C 335 -1.79 26.65 -9.64
CA GLY C 335 -2.59 27.33 -10.63
C GLY C 335 -1.96 27.30 -12.00
N THR C 336 -1.14 26.28 -12.24
CA THR C 336 -0.39 26.11 -13.48
C THR C 336 -1.25 25.46 -14.57
N GLY C 337 -2.25 24.68 -14.14
CA GLY C 337 -3.09 23.92 -15.06
C GLY C 337 -2.44 22.62 -15.54
N ARG C 338 -3.07 22.01 -16.55
CA ARG C 338 -2.65 20.72 -17.11
C ARG C 338 -1.31 20.83 -17.84
N HIS C 339 -0.26 20.24 -17.26
CA HIS C 339 1.08 20.33 -17.83
C HIS C 339 1.92 19.07 -17.60
N ILE C 340 3.05 18.99 -18.29
CA ILE C 340 4.01 17.91 -18.10
C ILE C 340 5.12 18.39 -17.17
N SER C 341 5.40 17.60 -16.15
CA SER C 341 6.41 17.91 -15.14
C SER C 341 7.80 17.51 -15.58
N GLU C 342 7.91 16.30 -16.13
CA GLU C 342 9.19 15.69 -16.45
C GLU C 342 9.00 14.73 -17.61
N VAL C 343 10.02 14.65 -18.46
CA VAL C 343 10.12 13.60 -19.46
C VAL C 343 11.41 12.86 -19.17
N TRP C 344 11.29 11.57 -18.90
CA TRP C 344 12.43 10.76 -18.59
C TRP C 344 12.84 9.98 -19.84
N TYR C 345 14.12 10.08 -20.20
CA TYR C 345 14.69 9.36 -21.32
C TYR C 345 16.18 9.18 -21.06
N ASP C 346 16.62 7.93 -20.94
CA ASP C 346 18.02 7.65 -20.65
C ASP C 346 18.56 6.41 -21.40
N PRO C 347 18.78 6.54 -22.73
CA PRO C 347 19.25 5.42 -23.55
C PRO C 347 20.66 4.98 -23.16
N ASN C 348 21.37 5.88 -22.50
CA ASN C 348 22.69 5.64 -21.97
C ASN C 348 22.72 4.62 -20.83
N THR C 349 21.63 4.51 -20.07
CA THR C 349 21.59 3.52 -19.01
C THR C 349 21.03 2.23 -19.58
N LYS C 350 20.03 2.35 -20.42
CA LYS C 350 19.62 1.22 -21.23
C LYS C 350 20.90 0.61 -21.81
N ARG C 351 21.77 1.44 -22.37
CA ARG C 351 23.00 1.00 -23.03
C ARG C 351 23.95 0.30 -22.09
N ALA C 352 24.49 1.05 -21.12
CA ALA C 352 25.41 0.51 -20.14
C ALA C 352 24.92 -0.86 -19.64
N LEU C 353 23.72 -0.87 -19.06
CA LEU C 353 23.06 -2.08 -18.57
C LEU C 353 23.07 -3.25 -19.55
N SER C 354 22.58 -3.03 -20.77
CA SER C 354 22.47 -4.10 -21.76
C SER C 354 23.84 -4.60 -22.21
N LEU C 355 24.86 -3.84 -21.89
CA LEU C 355 26.23 -4.14 -22.28
C LEU C 355 27.04 -4.61 -21.07
N GLN C 356 26.43 -4.52 -19.88
CA GLN C 356 27.11 -4.67 -18.60
C GLN C 356 27.61 -6.08 -18.34
#